data_5B3T
#
_entry.id   5B3T
#
_cell.length_a   58.248
_cell.length_b   88.497
_cell.length_c   133.582
_cell.angle_alpha   90.00
_cell.angle_beta   90.00
_cell.angle_gamma   90.00
#
_symmetry.space_group_name_H-M   'P 21 21 21'
#
loop_
_entity.id
_entity.type
_entity.pdbx_description
1 polymer 'Biliverdin reductase'
2 non-polymer 'PHOSPHATE ION'
3 water water
#
_entity_poly.entity_id   1
_entity_poly.type   'polypeptide(L)'
_entity_poly.pdbx_seq_one_letter_code
;GSHMSENFAVATPVRVGIVGTGYAAQRRAEVFRGDRRSQLVSFWGNSEANTAKFADTFGVRPQQSWQALINDPEIDLVLI
ATINQLHGAIAEAALQAGKHVVLEYPLALTYAMGKKLQQLAREKGKLLHVEHIELLGGVHQAIRQNLGKIGEVFYARYST
IMGQNPAPQRWTYHHQQFGFPLVAALSRISRFTDLFGTVQQVDAQCRFWDQPNPEYFRACLATAYLQFNNGLKAEVIYGK
GEVFHQNERIFTLHGDRGTLIFVGETGRLIQGQTETEITVGSRRGLFRQDTEAVLDYLTTGKPLYVDLEASLYALEVADL
CAQACGYKVEN
;
_entity_poly.pdbx_strand_id   A,B
#
loop_
_chem_comp.id
_chem_comp.type
_chem_comp.name
_chem_comp.formula
PO4 non-polymer 'PHOSPHATE ION' 'O4 P -3'
#
# COMPACT_ATOMS: atom_id res chain seq x y z
N ALA A 11 21.32 -20.77 -2.16
CA ALA A 11 20.85 -22.12 -1.88
C ALA A 11 19.36 -22.10 -1.55
N THR A 12 18.58 -22.84 -2.33
CA THR A 12 17.12 -22.74 -2.29
C THR A 12 16.47 -23.89 -1.51
N PRO A 13 15.41 -23.59 -0.74
CA PRO A 13 14.84 -22.26 -0.49
C PRO A 13 15.67 -21.42 0.46
N VAL A 14 15.66 -20.10 0.27
CA VAL A 14 16.33 -19.21 1.20
C VAL A 14 15.50 -19.13 2.47
N ARG A 15 16.11 -19.50 3.60
CA ARG A 15 15.41 -19.53 4.89
C ARG A 15 15.66 -18.21 5.60
N VAL A 16 14.58 -17.53 5.97
CA VAL A 16 14.63 -16.14 6.41
C VAL A 16 14.17 -16.04 7.85
N GLY A 17 14.91 -15.28 8.64
CA GLY A 17 14.45 -14.83 9.96
C GLY A 17 14.30 -13.33 9.95
N ILE A 18 13.21 -12.83 10.51
CA ILE A 18 12.87 -11.42 10.46
C ILE A 18 12.98 -10.85 11.87
N VAL A 19 13.84 -9.86 12.04
CA VAL A 19 13.98 -9.16 13.32
C VAL A 19 13.16 -7.87 13.20
N GLY A 20 11.97 -7.89 13.77
CA GLY A 20 11.05 -6.76 13.65
C GLY A 20 9.66 -7.18 13.23
N THR A 21 8.67 -6.36 13.53
CA THR A 21 7.28 -6.70 13.23
C THR A 21 6.51 -5.53 12.63
N GLY A 22 7.17 -4.41 12.32
CA GLY A 22 6.51 -3.25 11.77
C GLY A 22 6.25 -3.35 10.28
N TYR A 23 6.11 -2.19 9.65
CA TYR A 23 5.68 -2.14 8.25
C TYR A 23 6.70 -2.82 7.33
N ALA A 24 7.98 -2.48 7.47
CA ALA A 24 8.99 -3.06 6.60
C ALA A 24 9.07 -4.56 6.78
N ALA A 25 8.99 -5.04 8.03
CA ALA A 25 9.02 -6.47 8.29
C ALA A 25 7.83 -7.17 7.65
N GLN A 26 6.65 -6.56 7.72
CA GLN A 26 5.45 -7.18 7.18
C GLN A 26 5.52 -7.27 5.66
N ARG A 27 5.95 -6.20 4.99
CA ARG A 27 6.08 -6.23 3.55
C ARG A 27 7.08 -7.27 3.09
N ARG A 28 8.23 -7.36 3.78
CA ARG A 28 9.22 -8.38 3.46
C ARG A 28 8.65 -9.77 3.68
N ALA A 29 7.94 -9.97 4.80
CA ALA A 29 7.37 -11.27 5.12
C ALA A 29 6.36 -11.70 4.05
N GLU A 30 5.56 -10.77 3.56
CA GLU A 30 4.56 -11.10 2.56
C GLU A 30 5.21 -11.65 1.29
N VAL A 31 6.31 -11.05 0.84
CA VAL A 31 6.94 -11.48 -0.39
C VAL A 31 7.78 -12.73 -0.18
N PHE A 32 8.46 -12.84 0.96
CA PHE A 32 9.26 -14.02 1.24
C PHE A 32 8.40 -15.28 1.26
N ARG A 33 7.22 -15.13 1.81
CA ARG A 33 6.26 -16.21 1.87
C ARG A 33 5.72 -16.58 0.49
N GLY A 34 5.35 -15.58 -0.27
CA GLY A 34 4.74 -15.78 -1.58
C GLY A 34 5.72 -16.31 -2.61
N ASP A 35 7.00 -15.91 -2.49
CA ASP A 35 8.00 -16.35 -3.45
C ASP A 35 8.43 -17.78 -3.13
N ARG A 36 8.49 -18.63 -4.16
CA ARG A 36 8.86 -20.02 -3.94
C ARG A 36 10.34 -20.21 -3.68
N ARG A 37 11.16 -19.20 -3.96
CA ARG A 37 12.59 -19.30 -3.71
C ARG A 37 12.95 -19.10 -2.24
N SER A 38 11.98 -18.76 -1.39
CA SER A 38 12.29 -18.41 -0.01
C SER A 38 11.24 -19.00 0.92
N GLN A 39 11.59 -19.03 2.21
CA GLN A 39 10.75 -19.62 3.25
C GLN A 39 10.95 -18.83 4.53
N LEU A 40 9.87 -18.33 5.11
CA LEU A 40 9.94 -17.61 6.38
C LEU A 40 9.95 -18.63 7.51
N VAL A 41 11.02 -18.62 8.31
CA VAL A 41 11.23 -19.63 9.35
C VAL A 41 10.93 -19.08 10.74
N SER A 42 11.43 -17.90 11.08
CA SER A 42 11.24 -17.36 12.41
C SER A 42 11.19 -15.84 12.35
N PHE A 43 10.82 -15.24 13.48
CA PHE A 43 10.85 -13.80 13.62
C PHE A 43 11.01 -13.45 15.09
N TRP A 44 11.33 -12.18 15.35
CA TRP A 44 11.43 -11.64 16.68
C TRP A 44 10.77 -10.26 16.71
N GLY A 45 10.01 -10.00 17.76
CA GLY A 45 9.41 -8.69 17.96
C GLY A 45 9.82 -8.12 19.30
N ASN A 46 9.80 -6.79 19.43
CA ASN A 46 10.23 -6.15 20.66
C ASN A 46 9.10 -5.95 21.66
N SER A 47 7.84 -5.98 21.22
CA SER A 47 6.69 -5.71 22.08
C SER A 47 5.67 -6.84 21.97
N GLU A 48 5.00 -7.11 23.09
CA GLU A 48 4.18 -8.32 23.21
C GLU A 48 3.04 -8.33 22.19
N ALA A 49 2.30 -7.22 22.10
CA ALA A 49 1.09 -7.22 21.27
C ALA A 49 1.41 -7.36 19.79
N ASN A 50 2.38 -6.60 19.30
CA ASN A 50 2.72 -6.66 17.87
C ASN A 50 3.38 -7.98 17.51
N THR A 51 4.08 -8.61 18.44
CA THR A 51 4.63 -9.94 18.19
C THR A 51 3.52 -10.95 17.97
N ALA A 52 2.48 -10.90 18.82
CA ALA A 52 1.36 -11.82 18.69
C ALA A 52 0.65 -11.64 17.35
N LYS A 53 0.40 -10.38 16.96
CA LYS A 53 -0.26 -10.13 15.69
C LYS A 53 0.56 -10.64 14.52
N PHE A 54 1.88 -10.42 14.55
CA PHE A 54 2.75 -10.87 13.46
C PHE A 54 2.74 -12.39 13.36
N ALA A 55 2.84 -13.08 14.49
CA ALA A 55 2.79 -14.55 14.48
C ALA A 55 1.48 -15.05 13.89
N ASP A 56 0.37 -14.38 14.21
CA ASP A 56 -0.93 -14.80 13.70
C ASP A 56 -1.05 -14.55 12.21
N THR A 57 -0.65 -13.36 11.75
CA THR A 57 -0.74 -13.04 10.33
C THR A 57 0.07 -14.01 9.49
N PHE A 58 1.27 -14.36 9.95
CA PHE A 58 2.21 -15.11 9.12
C PHE A 58 2.47 -16.52 9.63
N GLY A 59 1.67 -17.02 10.58
CA GLY A 59 1.79 -18.41 11.02
C GLY A 59 3.22 -18.89 11.18
N VAL A 60 4.02 -18.09 11.89
CA VAL A 60 5.42 -18.40 12.16
C VAL A 60 5.63 -18.26 13.66
N ARG A 61 6.44 -19.15 14.24
CA ARG A 61 6.53 -18.97 15.67
C ARG A 61 7.66 -17.98 16.03
N PRO A 62 7.45 -17.18 17.06
CA PRO A 62 8.47 -16.19 17.44
C PRO A 62 9.63 -16.81 18.20
N GLN A 63 10.82 -16.27 17.96
CA GLN A 63 11.97 -16.53 18.82
C GLN A 63 11.94 -15.57 20.01
N GLN A 64 12.37 -16.07 21.17
CA GLN A 64 12.29 -15.26 22.38
C GLN A 64 13.30 -14.13 22.41
N SER A 65 14.44 -14.30 21.73
CA SER A 65 15.45 -13.25 21.60
C SER A 65 15.93 -13.19 20.16
N TRP A 66 16.34 -12.00 19.73
CA TRP A 66 16.90 -11.91 18.38
C TRP A 66 18.27 -12.56 18.31
N GLN A 67 19.01 -12.60 19.43
CA GLN A 67 20.28 -13.32 19.47
C GLN A 67 20.08 -14.78 19.11
N ALA A 68 19.03 -15.41 19.65
CA ALA A 68 18.73 -16.79 19.30
C ALA A 68 18.34 -16.92 17.83
N LEU A 69 17.59 -15.95 17.31
CA LEU A 69 17.18 -16.00 15.91
C LEU A 69 18.38 -16.01 14.98
N ILE A 70 19.31 -15.07 15.18
CA ILE A 70 20.42 -14.92 14.25
C ILE A 70 21.41 -16.07 14.35
N ASN A 71 21.38 -16.84 15.44
CA ASN A 71 22.25 -18.00 15.59
C ASN A 71 21.58 -19.31 15.21
N ASP A 72 20.33 -19.26 14.75
CA ASP A 72 19.62 -20.47 14.32
C ASP A 72 20.29 -21.05 13.08
N PRO A 73 20.75 -22.31 13.10
CA PRO A 73 21.37 -22.89 11.91
C PRO A 73 20.40 -23.15 10.77
N GLU A 74 19.09 -23.11 11.00
CA GLU A 74 18.12 -23.24 9.93
C GLU A 74 17.68 -21.89 9.37
N ILE A 75 18.57 -20.90 9.41
CA ILE A 75 18.35 -19.58 8.84
C ILE A 75 19.52 -19.27 7.91
N ASP A 76 19.21 -18.78 6.71
CA ASP A 76 20.24 -18.29 5.81
C ASP A 76 20.34 -16.77 5.76
N LEU A 77 19.22 -16.07 5.98
CA LEU A 77 19.12 -14.64 5.73
C LEU A 77 18.38 -13.98 6.88
N VAL A 78 18.93 -12.87 7.37
CA VAL A 78 18.32 -12.11 8.47
C VAL A 78 17.85 -10.77 7.93
N LEU A 79 16.55 -10.50 8.10
CA LEU A 79 15.96 -9.22 7.75
C LEU A 79 15.82 -8.40 9.03
N ILE A 80 16.41 -7.20 9.04
CA ILE A 80 16.47 -6.35 10.22
C ILE A 80 15.65 -5.09 9.95
N ALA A 81 14.57 -4.92 10.73
CA ALA A 81 13.70 -3.74 10.62
C ALA A 81 13.03 -3.56 11.98
N THR A 82 13.80 -2.98 12.95
CA THR A 82 13.35 -2.94 14.33
C THR A 82 13.76 -1.62 14.98
N ILE A 83 13.99 -1.65 16.29
CA ILE A 83 14.39 -0.47 17.04
C ILE A 83 15.66 0.12 16.46
N ASN A 84 15.69 1.43 16.29
CA ASN A 84 16.78 2.12 15.61
C ASN A 84 18.15 1.74 16.16
N GLN A 85 18.29 1.80 17.49
CA GLN A 85 19.60 1.60 18.10
C GLN A 85 20.17 0.22 17.83
N LEU A 86 19.31 -0.78 17.61
CA LEU A 86 19.75 -2.17 17.54
C LEU A 86 20.33 -2.56 16.19
N HIS A 87 20.14 -1.77 15.14
CA HIS A 87 20.38 -2.26 13.78
C HIS A 87 21.84 -2.64 13.56
N GLY A 88 22.77 -1.78 14.01
CA GLY A 88 24.18 -2.07 13.81
C GLY A 88 24.65 -3.30 14.57
N ALA A 89 24.21 -3.43 15.83
CA ALA A 89 24.64 -4.57 16.65
C ALA A 89 24.05 -5.87 16.12
N ILE A 90 22.80 -5.86 15.68
CA ILE A 90 22.19 -7.07 15.13
C ILE A 90 22.85 -7.46 13.82
N ALA A 91 23.17 -6.47 12.97
CA ALA A 91 23.81 -6.76 11.70
C ALA A 91 25.19 -7.39 11.91
N GLU A 92 25.97 -6.85 12.85
CA GLU A 92 27.29 -7.42 13.11
C GLU A 92 27.17 -8.85 13.64
N ALA A 93 26.23 -9.09 14.57
CA ALA A 93 26.06 -10.42 15.11
C ALA A 93 25.61 -11.41 14.04
N ALA A 94 24.69 -10.98 13.17
CA ALA A 94 24.21 -11.86 12.11
C ALA A 94 25.31 -12.19 11.12
N LEU A 95 26.14 -11.20 10.75
CA LEU A 95 27.24 -11.47 9.85
C LEU A 95 28.26 -12.41 10.48
N GLN A 96 28.55 -12.21 11.77
CA GLN A 96 29.49 -13.09 12.46
C GLN A 96 28.97 -14.52 12.52
N ALA A 97 27.66 -14.71 12.56
CA ALA A 97 27.06 -16.03 12.53
C ALA A 97 26.92 -16.59 11.11
N GLY A 98 27.48 -15.90 10.12
CA GLY A 98 27.43 -16.40 8.75
C GLY A 98 26.08 -16.27 8.08
N LYS A 99 25.32 -15.23 8.39
CA LYS A 99 24.04 -14.98 7.76
C LYS A 99 24.14 -13.84 6.76
N HIS A 100 23.32 -13.92 5.72
CA HIS A 100 23.08 -12.76 4.88
C HIS A 100 22.19 -11.78 5.62
N VAL A 101 22.36 -10.49 5.34
CA VAL A 101 21.67 -9.43 6.08
C VAL A 101 21.04 -8.46 5.10
N VAL A 102 19.75 -8.18 5.30
CA VAL A 102 19.06 -7.07 4.65
C VAL A 102 18.48 -6.20 5.76
N LEU A 103 18.71 -4.89 5.65
CA LEU A 103 18.23 -3.94 6.64
C LEU A 103 17.33 -2.92 5.98
N GLU A 104 16.28 -2.52 6.69
CA GLU A 104 15.67 -1.23 6.47
C GLU A 104 16.52 -0.18 7.18
N TYR A 105 16.94 0.85 6.45
CA TYR A 105 17.77 1.91 7.01
C TYR A 105 17.17 2.37 8.35
N PRO A 106 18.01 2.62 9.37
CA PRO A 106 19.46 2.82 9.44
C PRO A 106 20.34 1.58 9.30
N LEU A 107 21.58 1.82 8.85
CA LEU A 107 22.58 0.77 8.77
C LEU A 107 23.32 0.61 10.09
N ALA A 108 23.67 1.72 10.74
CA ALA A 108 24.44 1.69 11.98
C ALA A 108 24.36 3.07 12.63
N LEU A 109 24.95 3.18 13.82
CA LEU A 109 24.92 4.42 14.57
C LEU A 109 25.98 5.41 14.09
N THR A 110 27.10 4.93 13.56
CA THR A 110 28.18 5.79 13.10
C THR A 110 28.71 5.28 11.76
N TYR A 111 29.32 6.19 11.01
CA TYR A 111 29.96 5.82 9.75
C TYR A 111 30.99 4.71 9.96
N ALA A 112 31.75 4.79 11.05
CA ALA A 112 32.77 3.79 11.32
C ALA A 112 32.16 2.40 11.49
N MET A 113 31.04 2.31 12.20
CA MET A 113 30.37 1.02 12.35
C MET A 113 29.82 0.54 11.01
N GLY A 114 29.25 1.44 10.21
CA GLY A 114 28.78 1.07 8.90
C GLY A 114 29.89 0.54 8.01
N LYS A 115 31.07 1.14 8.10
CA LYS A 115 32.21 0.64 7.33
C LYS A 115 32.72 -0.68 7.90
N LYS A 116 32.71 -0.83 9.22
CA LYS A 116 33.11 -2.08 9.84
C LYS A 116 32.16 -3.21 9.43
N LEU A 117 30.87 -2.90 9.29
CA LEU A 117 29.93 -3.90 8.80
C LEU A 117 30.17 -4.25 7.35
N GLN A 118 30.49 -3.25 6.52
CA GLN A 118 30.76 -3.48 5.11
C GLN A 118 31.97 -4.40 4.94
N GLN A 119 33.05 -4.12 5.67
CA GLN A 119 34.24 -4.95 5.61
C GLN A 119 33.96 -6.36 6.11
N LEU A 120 33.20 -6.48 7.20
CA LEU A 120 32.91 -7.79 7.77
C LEU A 120 32.11 -8.65 6.80
N ALA A 121 31.11 -8.06 6.13
CA ALA A 121 30.32 -8.81 5.17
C ALA A 121 31.18 -9.28 4.00
N ARG A 122 32.10 -8.43 3.54
CA ARG A 122 33.05 -8.85 2.50
C ARG A 122 33.91 -10.00 2.98
N GLU A 123 34.49 -9.87 4.19
CA GLU A 123 35.37 -10.90 4.70
C GLU A 123 34.66 -12.24 4.88
N LYS A 124 33.36 -12.21 5.21
CA LYS A 124 32.58 -13.42 5.35
C LYS A 124 31.91 -13.84 4.05
N GLY A 125 32.02 -13.04 2.99
CA GLY A 125 31.36 -13.37 1.74
C GLY A 125 29.86 -13.46 1.86
N LYS A 126 29.25 -12.55 2.60
CA LYS A 126 27.81 -12.54 2.83
C LYS A 126 27.22 -11.22 2.37
N LEU A 127 25.96 -11.26 1.99
CA LEU A 127 25.25 -10.07 1.55
C LEU A 127 25.03 -9.11 2.71
N LEU A 128 25.30 -7.82 2.47
CA LEU A 128 24.87 -6.74 3.36
C LEU A 128 24.16 -5.73 2.49
N HIS A 129 22.84 -5.70 2.58
CA HIS A 129 21.99 -4.91 1.69
C HIS A 129 21.09 -4.02 2.53
N VAL A 130 21.07 -2.73 2.20
CA VAL A 130 20.28 -1.74 2.94
C VAL A 130 19.45 -0.94 1.94
N GLU A 131 18.16 -0.80 2.23
CA GLU A 131 17.30 0.11 1.50
C GLU A 131 16.53 0.97 2.50
N HIS A 132 15.91 2.03 1.98
CA HIS A 132 15.14 2.97 2.78
C HIS A 132 13.84 3.24 2.02
N ILE A 133 12.84 2.37 2.24
CA ILE A 133 11.62 2.36 1.45
C ILE A 133 10.40 2.71 2.30
N GLU A 134 10.40 2.31 3.57
CA GLU A 134 9.22 2.50 4.41
C GLU A 134 8.85 3.97 4.54
N LEU A 135 9.86 4.84 4.69
CA LEU A 135 9.63 6.28 4.81
C LEU A 135 9.59 6.89 3.41
N LEU A 136 8.39 7.16 2.93
CA LEU A 136 8.17 7.95 1.70
C LEU A 136 8.86 7.32 0.49
N GLY A 137 8.94 5.98 0.46
CA GLY A 137 9.64 5.32 -0.63
C GLY A 137 9.02 5.60 -1.99
N GLY A 138 7.69 5.58 -2.06
CA GLY A 138 7.04 5.93 -3.31
C GLY A 138 7.29 7.36 -3.72
N VAL A 139 7.25 8.29 -2.76
CA VAL A 139 7.50 9.69 -3.06
C VAL A 139 8.93 9.88 -3.56
N HIS A 140 9.89 9.15 -3.00
CA HIS A 140 11.27 9.29 -3.45
C HIS A 140 11.43 8.92 -4.91
N GLN A 141 10.81 7.83 -5.33
CA GLN A 141 10.89 7.43 -6.74
C GLN A 141 10.18 8.44 -7.63
N ALA A 142 9.06 8.99 -7.16
CA ALA A 142 8.37 10.03 -7.92
C ALA A 142 9.24 11.27 -8.09
N ILE A 143 9.97 11.65 -7.04
CA ILE A 143 10.90 12.77 -7.14
C ILE A 143 11.99 12.46 -8.16
N ARG A 144 12.59 11.27 -8.07
CA ARG A 144 13.62 10.87 -9.01
C ARG A 144 13.11 10.93 -10.44
N GLN A 145 11.88 10.45 -10.67
CA GLN A 145 11.33 10.39 -12.02
C GLN A 145 11.00 11.77 -12.59
N ASN A 146 11.01 12.82 -11.77
CA ASN A 146 10.58 14.13 -12.22
C ASN A 146 11.57 15.26 -11.96
N LEU A 147 12.68 14.98 -11.26
CA LEU A 147 13.68 16.02 -11.04
C LEU A 147 14.25 16.55 -12.34
N GLY A 148 14.38 15.71 -13.36
CA GLY A 148 14.88 16.15 -14.64
C GLY A 148 14.03 17.21 -15.32
N LYS A 149 12.81 17.42 -14.83
CA LYS A 149 11.88 18.36 -15.44
C LYS A 149 12.01 19.78 -14.92
N ILE A 150 12.66 20.00 -13.78
CA ILE A 150 12.61 21.29 -13.11
C ILE A 150 13.95 22.02 -13.15
N GLY A 151 14.90 21.56 -13.95
CA GLY A 151 16.14 22.29 -14.11
C GLY A 151 17.02 22.28 -12.87
N GLU A 152 17.77 23.36 -12.69
CA GLU A 152 18.68 23.45 -11.54
C GLU A 152 17.89 23.65 -10.26
N VAL A 153 17.98 22.68 -9.36
CA VAL A 153 17.30 22.75 -8.07
C VAL A 153 18.11 23.63 -7.13
N PHE A 154 17.48 24.69 -6.62
CA PHE A 154 18.17 25.66 -5.77
C PHE A 154 17.60 25.77 -4.36
N TYR A 155 16.39 25.28 -4.11
CA TYR A 155 15.77 25.41 -2.79
C TYR A 155 14.84 24.24 -2.57
N ALA A 156 15.04 23.53 -1.47
CA ALA A 156 14.20 22.38 -1.12
C ALA A 156 13.88 22.43 0.37
N ARG A 157 12.69 21.95 0.70
CA ARG A 157 12.27 21.89 2.10
C ARG A 157 11.55 20.57 2.35
N TYR A 158 12.05 19.83 3.34
CA TYR A 158 11.49 18.54 3.73
C TYR A 158 11.17 18.62 5.22
N SER A 159 9.88 18.68 5.56
CA SER A 159 9.46 18.90 6.93
C SER A 159 8.46 17.82 7.34
N THR A 160 8.73 17.18 8.47
CA THR A 160 7.84 16.18 9.06
C THR A 160 7.55 16.61 10.49
N ILE A 161 6.32 17.04 10.75
CA ILE A 161 5.88 17.42 12.08
C ILE A 161 4.67 16.57 12.45
N MET A 162 4.77 15.86 13.58
CA MET A 162 3.75 14.90 14.00
C MET A 162 3.39 15.17 15.45
N GLY A 163 2.27 15.85 15.67
CA GLY A 163 1.79 16.07 17.03
C GLY A 163 1.34 14.77 17.66
N GLN A 164 1.70 14.59 18.94
CA GLN A 164 1.34 13.38 19.66
C GLN A 164 1.23 13.72 21.14
N ASN A 165 0.03 13.55 21.68
CA ASN A 165 -0.26 13.89 23.07
C ASN A 165 -1.27 12.88 23.63
N PRO A 166 -0.88 12.13 24.67
CA PRO A 166 0.42 12.20 25.35
C PRO A 166 1.53 11.46 24.62
N ALA A 167 2.77 11.90 24.83
CA ALA A 167 3.91 11.19 24.29
C ALA A 167 4.02 9.82 24.96
N PRO A 168 4.18 8.75 24.19
CA PRO A 168 4.21 7.41 24.79
C PRO A 168 5.54 7.14 25.48
N GLN A 169 5.53 6.10 26.32
CA GLN A 169 6.75 5.59 26.92
C GLN A 169 7.21 4.35 26.16
N ARG A 170 7.63 4.59 24.91
CA ARG A 170 8.11 3.54 24.03
C ARG A 170 9.38 4.01 23.35
N TRP A 171 10.01 3.09 22.61
CA TRP A 171 11.37 3.32 22.13
C TRP A 171 11.45 4.50 21.16
N THR A 172 10.36 4.82 20.46
CA THR A 172 10.38 5.92 19.51
C THR A 172 10.49 7.28 20.17
N TYR A 173 10.23 7.37 21.49
CA TYR A 173 10.42 8.60 22.25
C TYR A 173 11.51 8.43 23.32
N HIS A 174 12.34 7.40 23.18
CA HIS A 174 13.41 7.09 24.11
C HIS A 174 14.72 7.59 23.51
N HIS A 175 15.43 8.44 24.25
CA HIS A 175 16.61 9.12 23.73
C HIS A 175 17.58 8.14 23.08
N GLN A 176 17.96 7.08 23.80
CA GLN A 176 19.01 6.19 23.32
C GLN A 176 18.49 5.23 22.24
N GLN A 177 17.28 4.68 22.42
CA GLN A 177 16.77 3.71 21.46
C GLN A 177 16.41 4.38 20.14
N PHE A 178 15.82 5.57 20.18
CA PHE A 178 15.44 6.25 18.95
C PHE A 178 16.65 6.89 18.28
N GLY A 179 17.59 7.39 19.07
CA GLY A 179 18.80 7.96 18.52
C GLY A 179 18.59 9.35 17.96
N PHE A 180 19.59 9.79 17.19
CA PHE A 180 19.58 11.12 16.60
C PHE A 180 18.31 11.31 15.75
N PRO A 181 17.45 12.26 16.09
CA PRO A 181 16.11 12.31 15.46
C PRO A 181 16.13 12.52 13.96
N LEU A 182 17.18 13.12 13.39
CA LEU A 182 17.20 13.46 11.97
C LEU A 182 17.78 12.36 11.09
N VAL A 183 18.03 11.16 11.64
CA VAL A 183 18.71 10.12 10.88
C VAL A 183 17.90 9.75 9.64
N ALA A 184 16.60 9.51 9.82
CA ALA A 184 15.76 9.06 8.70
C ALA A 184 15.55 10.18 7.69
N ALA A 185 15.28 11.39 8.17
CA ALA A 185 15.04 12.51 7.25
C ALA A 185 16.29 12.83 6.43
N LEU A 186 17.46 12.80 7.08
CA LEU A 186 18.70 13.09 6.35
C LEU A 186 19.03 12.01 5.33
N SER A 187 18.59 10.77 5.58
CA SER A 187 18.74 9.73 4.58
C SER A 187 17.95 10.06 3.32
N ARG A 188 16.73 10.58 3.49
CA ARG A 188 15.91 10.95 2.34
C ARG A 188 16.56 12.06 1.52
N ILE A 189 17.07 13.09 2.19
CA ILE A 189 17.60 14.25 1.48
C ILE A 189 18.95 13.97 0.83
N SER A 190 19.62 12.88 1.21
CA SER A 190 20.98 12.61 0.77
C SER A 190 21.08 11.68 -0.41
N ARG A 191 19.96 11.17 -0.92
CA ARG A 191 19.96 10.15 -1.96
C ARG A 191 19.72 10.74 -3.35
N PHE A 192 20.07 12.01 -3.55
CA PHE A 192 20.09 12.64 -4.87
C PHE A 192 21.49 13.18 -5.20
N THR A 193 22.52 12.60 -4.58
CA THR A 193 23.89 13.04 -4.82
C THR A 193 24.20 13.05 -6.31
N ASP A 194 23.55 12.17 -7.07
CA ASP A 194 23.76 12.09 -8.50
C ASP A 194 23.46 13.43 -9.18
N LEU A 195 22.55 14.19 -8.59
CA LEU A 195 22.18 15.47 -9.12
C LEU A 195 22.56 16.68 -8.29
N PHE A 196 22.43 16.57 -6.99
CA PHE A 196 22.71 17.70 -6.10
C PHE A 196 24.17 17.83 -5.73
N GLY A 197 24.98 16.80 -5.99
CA GLY A 197 26.32 16.75 -5.45
C GLY A 197 26.27 16.36 -3.99
N THR A 198 27.41 16.49 -3.33
CA THR A 198 27.49 16.15 -1.92
C THR A 198 27.16 17.37 -1.05
N VAL A 199 26.82 17.11 0.21
CA VAL A 199 26.61 18.18 1.17
C VAL A 199 27.95 18.87 1.42
N GLN A 200 27.95 20.20 1.37
CA GLN A 200 29.17 20.97 1.60
C GLN A 200 29.19 21.76 2.90
N GLN A 201 28.04 22.13 3.42
CA GLN A 201 27.96 22.90 4.64
C GLN A 201 26.71 22.49 5.40
N VAL A 202 26.77 22.51 6.71
CA VAL A 202 25.68 22.07 7.58
C VAL A 202 25.56 23.00 8.77
N ASP A 203 24.32 23.41 9.10
CA ASP A 203 23.98 23.97 10.39
C ASP A 203 22.78 23.18 10.91
N ALA A 204 22.84 22.75 12.16
CA ALA A 204 21.78 21.92 12.72
C ALA A 204 21.57 22.26 14.18
N GLN A 205 20.31 22.22 14.61
CA GLN A 205 19.94 22.39 16.01
C GLN A 205 18.96 21.30 16.40
N CYS A 206 19.02 20.91 17.67
CA CYS A 206 18.16 19.86 18.20
C CYS A 206 17.68 20.26 19.57
N ARG A 207 16.36 20.34 19.76
CA ARG A 207 15.75 20.72 21.02
C ARG A 207 14.84 19.59 21.50
N PHE A 208 14.95 19.25 22.78
CA PHE A 208 14.12 18.22 23.39
C PHE A 208 13.29 18.80 24.53
N TRP A 209 12.09 18.25 24.70
CA TRP A 209 11.27 18.44 25.89
C TRP A 209 11.27 17.12 26.64
N ASP A 210 11.93 17.08 27.79
CA ASP A 210 12.07 15.83 28.51
C ASP A 210 10.78 15.46 29.25
N GLN A 211 10.58 14.16 29.42
CA GLN A 211 9.57 13.64 30.32
C GLN A 211 10.09 13.71 31.75
N PRO A 212 9.23 13.49 32.75
CA PRO A 212 9.74 13.39 34.14
C PRO A 212 10.86 12.37 34.28
N ASN A 213 10.74 11.22 33.63
CA ASN A 213 11.84 10.29 33.45
C ASN A 213 12.67 10.80 32.27
N PRO A 214 13.86 11.37 32.53
CA PRO A 214 14.61 12.03 31.45
C PRO A 214 15.19 11.09 30.41
N GLU A 215 15.00 9.77 30.55
CA GLU A 215 15.37 8.86 29.47
C GLU A 215 14.40 8.92 28.30
N TYR A 216 13.23 9.50 28.50
CA TYR A 216 12.25 9.72 27.45
C TYR A 216 12.09 11.22 27.22
N PHE A 217 11.81 11.59 25.99
CA PHE A 217 11.38 12.95 25.70
C PHE A 217 9.91 12.94 25.33
N ARG A 218 9.23 14.04 25.66
CA ARG A 218 7.84 14.19 25.29
C ARG A 218 7.66 14.99 24.00
N ALA A 219 8.71 15.65 23.54
CA ALA A 219 8.70 16.33 22.25
C ALA A 219 10.13 16.57 21.82
N CYS A 220 10.34 16.64 20.51
CA CYS A 220 11.62 17.01 19.96
C CYS A 220 11.40 17.86 18.71
N LEU A 221 12.31 18.80 18.49
CA LEU A 221 12.34 19.59 17.27
C LEU A 221 13.78 19.65 16.80
N ALA A 222 14.06 19.04 15.65
CA ALA A 222 15.40 19.00 15.09
C ALA A 222 15.37 19.63 13.71
N THR A 223 16.29 20.57 13.48
CA THR A 223 16.34 21.33 12.24
C THR A 223 17.75 21.26 11.68
N ALA A 224 17.86 20.97 10.38
CA ALA A 224 19.14 20.94 9.69
C ALA A 224 19.04 21.77 8.42
N TYR A 225 19.99 22.68 8.24
CA TYR A 225 20.04 23.54 7.07
C TYR A 225 21.31 23.22 6.29
N LEU A 226 21.13 22.72 5.07
CA LEU A 226 22.20 22.11 4.30
C LEU A 226 22.51 22.92 3.07
N GLN A 227 23.80 23.02 2.74
CA GLN A 227 24.25 23.59 1.48
C GLN A 227 24.97 22.52 0.68
N PHE A 228 24.49 22.25 -0.52
CA PHE A 228 25.07 21.25 -1.39
C PHE A 228 26.08 21.89 -2.34
N ASN A 229 26.88 21.03 -2.97
CA ASN A 229 28.00 21.52 -3.76
C ASN A 229 27.54 22.18 -5.04
N ASN A 230 26.46 21.69 -5.64
CA ASN A 230 25.94 22.28 -6.86
C ASN A 230 24.98 23.43 -6.58
N GLY A 231 24.95 23.94 -5.36
CA GLY A 231 24.27 25.18 -5.03
C GLY A 231 23.00 25.02 -4.21
N LEU A 232 22.46 23.81 -4.09
CA LEU A 232 21.18 23.62 -3.43
C LEU A 232 21.25 23.98 -1.96
N LYS A 233 20.28 24.78 -1.51
CA LYS A 233 20.04 25.03 -0.10
C LYS A 233 18.81 24.24 0.31
N ALA A 234 18.97 23.35 1.29
CA ALA A 234 17.89 22.47 1.73
C ALA A 234 17.63 22.67 3.21
N GLU A 235 16.35 22.65 3.57
CA GLU A 235 15.91 22.68 4.96
C GLU A 235 15.29 21.33 5.29
N VAL A 236 15.74 20.73 6.39
CA VAL A 236 15.27 19.41 6.82
C VAL A 236 14.78 19.52 8.26
N ILE A 237 13.49 19.30 8.46
CA ILE A 237 12.82 19.56 9.73
C ILE A 237 12.18 18.27 10.23
N TYR A 238 12.41 17.94 11.50
CA TYR A 238 11.79 16.79 12.12
C TYR A 238 11.28 17.18 13.50
N GLY A 239 9.97 17.13 13.68
CA GLY A 239 9.38 17.41 14.97
C GLY A 239 8.26 16.46 15.31
N LYS A 240 8.16 16.08 16.59
CA LYS A 240 7.06 15.24 17.04
C LYS A 240 6.90 15.43 18.54
N GLY A 241 5.69 15.16 19.03
CA GLY A 241 5.46 15.23 20.46
C GLY A 241 4.33 16.14 20.90
N GLU A 242 4.33 16.48 22.19
CA GLU A 242 3.16 17.09 22.81
C GLU A 242 3.01 18.58 22.50
N VAL A 243 4.06 19.25 22.01
CA VAL A 243 4.01 20.70 21.83
C VAL A 243 3.53 21.11 20.44
N PHE A 244 3.34 20.16 19.53
CA PHE A 244 3.02 20.47 18.13
C PHE A 244 1.51 20.38 17.92
N HIS A 245 0.90 21.50 17.54
CA HIS A 245 -0.54 21.55 17.33
C HIS A 245 -0.94 21.51 15.86
N GLN A 246 0.01 21.53 14.93
CA GLN A 246 -0.28 21.40 13.50
C GLN A 246 0.71 20.44 12.88
N ASN A 247 0.20 19.38 12.26
CA ASN A 247 1.04 18.40 11.58
C ASN A 247 1.47 18.92 10.21
N GLU A 248 2.57 18.35 9.71
CA GLU A 248 3.14 18.76 8.44
C GLU A 248 3.91 17.58 7.85
N ARG A 249 3.57 17.23 6.61
CA ARG A 249 4.34 16.25 5.82
C ARG A 249 4.56 16.87 4.45
N ILE A 250 5.65 17.62 4.31
CA ILE A 250 5.92 18.40 3.12
C ILE A 250 7.29 18.02 2.57
N PHE A 251 7.38 17.86 1.25
CA PHE A 251 8.65 17.70 0.54
C PHE A 251 8.53 18.56 -0.72
N THR A 252 9.18 19.72 -0.70
CA THR A 252 9.11 20.69 -1.79
C THR A 252 10.51 20.91 -2.34
N LEU A 253 10.63 20.92 -3.67
CA LEU A 253 11.89 21.19 -4.35
C LEU A 253 11.65 22.23 -5.43
N HIS A 254 12.36 23.35 -5.34
CA HIS A 254 12.23 24.45 -6.29
C HIS A 254 13.40 24.43 -7.27
N GLY A 255 13.09 24.38 -8.56
CA GLY A 255 14.10 24.49 -9.59
C GLY A 255 13.77 25.62 -10.55
N ASP A 256 14.75 26.10 -11.33
CA ASP A 256 14.47 27.25 -12.18
C ASP A 256 13.59 26.89 -13.38
N ARG A 257 13.23 25.62 -13.57
CA ARG A 257 12.27 25.24 -14.59
C ARG A 257 10.99 24.65 -14.00
N GLY A 258 10.88 24.58 -12.67
CA GLY A 258 9.65 24.09 -12.08
C GLY A 258 9.82 23.80 -10.60
N THR A 259 8.69 23.52 -9.96
CA THR A 259 8.63 23.16 -8.55
C THR A 259 7.91 21.84 -8.39
N LEU A 260 8.46 20.97 -7.55
CA LEU A 260 7.81 19.73 -7.13
C LEU A 260 7.32 19.89 -5.70
N ILE A 261 6.04 19.64 -5.48
CA ILE A 261 5.42 19.72 -4.15
C ILE A 261 4.82 18.37 -3.83
N PHE A 262 5.26 17.78 -2.72
CA PHE A 262 4.66 16.57 -2.20
C PHE A 262 4.10 16.87 -0.82
N VAL A 263 2.78 16.70 -0.68
CA VAL A 263 2.09 16.81 0.60
C VAL A 263 1.66 15.40 0.96
N GLY A 264 2.32 14.80 1.95
CA GLY A 264 2.12 13.39 2.19
C GLY A 264 2.58 12.62 0.96
N GLU A 265 1.76 11.67 0.53
CA GLU A 265 2.02 10.92 -0.70
C GLU A 265 1.36 11.55 -1.92
N THR A 266 1.03 12.84 -1.86
CA THR A 266 0.38 13.55 -2.95
C THR A 266 1.38 14.50 -3.61
N GLY A 267 1.51 14.42 -4.93
CA GLY A 267 2.51 15.21 -5.61
C GLY A 267 2.02 15.99 -6.81
N ARG A 268 2.61 17.17 -7.02
CA ARG A 268 2.23 18.01 -8.16
C ARG A 268 3.39 18.82 -8.76
N LEU A 269 3.54 18.70 -10.08
CA LEU A 269 4.58 19.41 -10.82
C LEU A 269 4.01 20.76 -11.24
N ILE A 270 4.76 21.83 -10.98
CA ILE A 270 4.35 23.18 -11.34
C ILE A 270 5.40 23.76 -12.27
N GLN A 271 4.99 24.12 -13.48
CA GLN A 271 5.86 24.75 -14.46
C GLN A 271 5.08 25.89 -15.11
N GLY A 272 5.48 27.12 -14.85
CA GLY A 272 4.76 28.26 -15.40
C GLY A 272 3.36 28.29 -14.81
N GLN A 273 2.36 28.22 -15.68
CA GLN A 273 0.97 28.25 -15.25
C GLN A 273 0.32 26.86 -15.23
N THR A 274 1.03 25.82 -15.64
CA THR A 274 0.47 24.47 -15.62
C THR A 274 0.80 23.76 -14.32
N GLU A 275 -0.12 22.87 -13.94
CA GLU A 275 0.00 22.07 -12.73
C GLU A 275 -0.37 20.64 -13.14
N THR A 276 0.54 19.71 -12.88
CA THR A 276 0.31 18.32 -13.26
C THR A 276 0.32 17.42 -12.04
N GLU A 277 -0.67 16.52 -11.95
CA GLU A 277 -0.65 15.50 -10.92
C GLU A 277 0.53 14.55 -11.17
N ILE A 278 1.14 14.08 -10.09
CA ILE A 278 2.25 13.14 -10.17
C ILE A 278 1.79 11.81 -9.59
N THR A 279 1.95 10.74 -10.38
CA THR A 279 1.59 9.41 -9.93
C THR A 279 2.66 8.90 -8.97
N VAL A 280 2.23 8.57 -7.74
CA VAL A 280 3.12 8.05 -6.71
C VAL A 280 2.81 6.57 -6.53
N GLY A 281 3.81 5.73 -6.77
CA GLY A 281 3.63 4.30 -6.64
C GLY A 281 3.65 3.83 -5.19
N SER A 282 3.25 2.57 -5.00
CA SER A 282 3.13 1.99 -3.68
C SER A 282 4.49 1.58 -3.13
N ARG A 283 4.63 1.69 -1.82
CA ARG A 283 5.81 1.12 -1.15
C ARG A 283 5.81 -0.39 -1.22
N ARG A 284 4.62 -1.00 -1.25
CA ARG A 284 4.52 -2.45 -1.39
C ARG A 284 5.21 -2.93 -2.65
N GLY A 285 4.95 -2.25 -3.77
CA GLY A 285 5.61 -2.63 -5.01
C GLY A 285 7.11 -2.48 -4.95
N LEU A 286 7.59 -1.42 -4.30
CA LEU A 286 9.03 -1.20 -4.21
C LEU A 286 9.68 -2.21 -3.28
N PHE A 287 9.02 -2.58 -2.19
CA PHE A 287 9.55 -3.64 -1.32
C PHE A 287 9.61 -4.97 -2.05
N ARG A 288 8.58 -5.27 -2.86
CA ARG A 288 8.56 -6.54 -3.57
C ARG A 288 9.69 -6.62 -4.60
N GLN A 289 9.87 -5.56 -5.39
CA GLN A 289 10.96 -5.57 -6.36
C GLN A 289 12.31 -5.72 -5.69
N ASP A 290 12.51 -5.05 -4.55
CA ASP A 290 13.78 -5.16 -3.84
C ASP A 290 13.97 -6.56 -3.27
N THR A 291 12.91 -7.12 -2.67
CA THR A 291 13.00 -8.48 -2.15
C THR A 291 13.30 -9.47 -3.25
N GLU A 292 12.65 -9.33 -4.41
CA GLU A 292 12.89 -10.24 -5.51
C GLU A 292 14.30 -10.09 -6.07
N ALA A 293 14.82 -8.85 -6.08
CA ALA A 293 16.20 -8.64 -6.50
C ALA A 293 17.17 -9.33 -5.54
N VAL A 294 16.88 -9.27 -4.24
CA VAL A 294 17.73 -9.95 -3.25
C VAL A 294 17.69 -11.45 -3.48
N LEU A 295 16.50 -12.01 -3.69
CA LEU A 295 16.38 -13.43 -3.99
C LEU A 295 17.15 -13.78 -5.26
N ASP A 296 17.08 -12.92 -6.27
CA ASP A 296 17.85 -13.12 -7.50
C ASP A 296 19.34 -13.24 -7.18
N TYR A 297 19.86 -12.29 -6.42
CA TYR A 297 21.30 -12.32 -6.10
C TYR A 297 21.68 -13.60 -5.36
N LEU A 298 20.87 -14.00 -4.37
CA LEU A 298 21.23 -15.15 -3.56
C LEU A 298 21.14 -16.46 -4.31
N THR A 299 20.26 -16.56 -5.30
CA THR A 299 20.05 -17.82 -6.01
C THR A 299 20.79 -17.92 -7.33
N THR A 300 21.04 -16.80 -8.02
CA THR A 300 21.76 -16.82 -9.28
C THR A 300 23.00 -15.95 -9.30
N GLY A 301 23.27 -15.19 -8.24
CA GLY A 301 24.43 -14.33 -8.24
C GLY A 301 24.30 -13.06 -9.04
N LYS A 302 23.14 -12.80 -9.63
CA LYS A 302 22.96 -11.57 -10.37
C LYS A 302 23.12 -10.37 -9.44
N PRO A 303 24.04 -9.45 -9.71
CA PRO A 303 24.32 -8.38 -8.76
C PRO A 303 23.16 -7.41 -8.60
N LEU A 304 23.05 -6.88 -7.38
CA LEU A 304 22.02 -5.90 -7.07
C LEU A 304 22.36 -4.54 -7.68
N TYR A 305 21.33 -3.81 -8.10
CA TYR A 305 21.55 -2.45 -8.60
C TYR A 305 21.91 -1.51 -7.46
N VAL A 306 21.28 -1.68 -6.30
CA VAL A 306 21.63 -0.88 -5.13
C VAL A 306 22.97 -1.36 -4.58
N ASP A 307 23.84 -0.41 -4.24
CA ASP A 307 25.05 -0.72 -3.50
C ASP A 307 25.01 0.03 -2.17
N LEU A 308 25.88 -0.40 -1.24
CA LEU A 308 25.85 0.12 0.11
C LEU A 308 26.24 1.60 0.19
N GLU A 309 26.82 2.16 -0.88
CA GLU A 309 27.39 3.50 -0.81
C GLU A 309 26.33 4.56 -0.51
N ALA A 310 25.11 4.37 -1.00
CA ALA A 310 24.06 5.36 -0.75
C ALA A 310 23.70 5.44 0.73
N SER A 311 23.61 4.27 1.40
CA SER A 311 23.32 4.26 2.83
C SER A 311 24.53 4.71 3.65
N LEU A 312 25.74 4.45 3.16
CA LEU A 312 26.93 4.93 3.85
C LEU A 312 27.01 6.45 3.82
N TYR A 313 26.64 7.07 2.69
CA TYR A 313 26.69 8.52 2.64
C TYR A 313 25.61 9.15 3.50
N ALA A 314 24.41 8.58 3.49
CA ALA A 314 23.35 9.05 4.39
C ALA A 314 23.82 8.98 5.84
N LEU A 315 24.58 7.94 6.18
CA LEU A 315 25.15 7.82 7.51
C LEU A 315 26.18 8.92 7.75
N GLU A 316 27.00 9.23 6.74
CA GLU A 316 27.96 10.34 6.88
C GLU A 316 27.25 11.65 7.12
N VAL A 317 26.16 11.91 6.37
CA VAL A 317 25.42 13.16 6.55
C VAL A 317 24.83 13.23 7.95
N ALA A 318 24.35 12.10 8.48
CA ALA A 318 23.79 12.08 9.83
C ALA A 318 24.86 12.37 10.88
N ASP A 319 26.05 11.75 10.73
CA ASP A 319 27.16 12.07 11.62
C ASP A 319 27.49 13.56 11.58
N LEU A 320 27.54 14.13 10.38
CA LEU A 320 27.89 15.54 10.24
C LEU A 320 26.87 16.44 10.92
N CYS A 321 25.57 16.13 10.77
CA CYS A 321 24.55 16.97 11.36
C CYS A 321 24.50 16.80 12.88
N ALA A 322 24.74 15.58 13.37
CA ALA A 322 24.81 15.36 14.81
C ALA A 322 25.99 16.13 15.41
N GLN A 323 27.12 16.14 14.70
CA GLN A 323 28.27 16.92 15.14
C GLN A 323 27.93 18.41 15.20
N ALA A 324 27.21 18.91 14.20
CA ALA A 324 26.77 20.30 14.22
C ALA A 324 25.79 20.58 15.35
N CYS A 325 25.06 19.55 15.80
CA CYS A 325 24.09 19.68 16.88
C CYS A 325 24.71 19.59 18.26
N GLY A 326 25.96 19.17 18.38
CA GLY A 326 26.47 18.76 19.66
C GLY A 326 25.80 17.53 20.20
N TYR A 327 25.18 16.73 19.33
CA TYR A 327 24.44 15.55 19.77
C TYR A 327 25.39 14.42 20.09
N LYS A 328 25.01 13.62 21.10
CA LYS A 328 25.83 12.53 21.63
C LYS A 328 27.21 13.01 22.04
N ALA B 9 -26.31 19.17 3.85
CA ALA B 9 -25.05 19.17 4.59
C ALA B 9 -25.08 18.21 5.78
N VAL B 10 -24.01 17.43 5.97
CA VAL B 10 -23.84 16.65 7.18
C VAL B 10 -22.87 17.41 8.11
N THR B 12 -21.16 17.65 10.75
CA THR B 12 -19.75 17.86 11.03
C THR B 12 -19.47 17.67 12.54
N PRO B 13 -18.65 16.66 12.88
CA PRO B 13 -18.06 15.74 11.90
C PRO B 13 -19.00 14.61 11.47
N VAL B 14 -18.77 14.12 10.25
CA VAL B 14 -19.55 13.00 9.73
C VAL B 14 -19.27 11.76 10.57
N ARG B 15 -20.32 11.14 11.10
CA ARG B 15 -20.21 9.96 11.94
C ARG B 15 -20.38 8.72 11.06
N VAL B 16 -19.36 7.86 11.04
CA VAL B 16 -19.22 6.81 10.05
C VAL B 16 -19.33 5.44 10.72
N GLY B 17 -20.16 4.57 10.15
CA GLY B 17 -20.18 3.17 10.51
C GLY B 17 -19.69 2.34 9.34
N ILE B 18 -18.78 1.42 9.63
CA ILE B 18 -18.14 0.60 8.60
C ILE B 18 -18.63 -0.83 8.73
N VAL B 19 -19.24 -1.34 7.67
CA VAL B 19 -19.68 -2.73 7.62
C VAL B 19 -18.62 -3.50 6.84
N GLY B 20 -17.74 -4.19 7.56
CA GLY B 20 -16.64 -4.90 6.93
C GLY B 20 -15.32 -4.67 7.65
N THR B 21 -14.35 -5.57 7.42
CA THR B 21 -13.05 -5.46 8.07
C THR B 21 -11.89 -5.75 7.12
N GLY B 22 -12.15 -5.87 5.82
CA GLY B 22 -11.13 -6.21 4.86
C GLY B 22 -10.28 -5.01 4.44
N TYR B 23 -9.61 -5.17 3.30
CA TYR B 23 -8.69 -4.13 2.82
C TYR B 23 -9.41 -2.79 2.65
N ALA B 24 -10.53 -2.80 1.93
CA ALA B 24 -11.25 -1.55 1.67
C ALA B 24 -11.72 -0.91 2.97
N ALA B 25 -12.30 -1.70 3.87
CA ALA B 25 -12.75 -1.16 5.15
C ALA B 25 -11.60 -0.54 5.94
N GLN B 26 -10.42 -1.13 5.85
CA GLN B 26 -9.27 -0.61 6.61
C GLN B 26 -8.76 0.70 6.02
N ARG B 27 -8.65 0.77 4.69
CA ARG B 27 -8.20 2.01 4.06
C ARG B 27 -9.18 3.14 4.32
N ARG B 28 -10.48 2.86 4.25
CA ARG B 28 -11.48 3.87 4.57
C ARG B 28 -11.37 4.31 6.02
N ALA B 29 -11.23 3.35 6.94
CA ALA B 29 -11.16 3.68 8.35
C ALA B 29 -9.94 4.55 8.66
N GLU B 30 -8.80 4.23 8.05
CA GLU B 30 -7.59 5.01 8.28
C GLU B 30 -7.81 6.49 7.96
N VAL B 31 -8.51 6.76 6.84
CA VAL B 31 -8.68 8.15 6.41
C VAL B 31 -9.82 8.82 7.16
N PHE B 32 -10.91 8.10 7.43
CA PHE B 32 -11.98 8.67 8.24
C PHE B 32 -11.47 9.05 9.62
N ARG B 33 -10.59 8.22 10.20
CA ARG B 33 -10.03 8.53 11.51
C ARG B 33 -9.09 9.72 11.44
N GLY B 34 -8.25 9.77 10.40
CA GLY B 34 -7.26 10.83 10.31
C GLY B 34 -7.85 12.17 9.89
N ASP B 35 -8.93 12.15 9.13
CA ASP B 35 -9.56 13.38 8.67
C ASP B 35 -10.37 14.00 9.80
N ARG B 36 -10.24 15.31 9.97
CA ARG B 36 -10.96 16.01 11.03
C ARG B 36 -12.43 16.22 10.72
N ARG B 37 -12.86 16.01 9.48
CA ARG B 37 -14.27 16.17 9.11
C ARG B 37 -15.11 14.95 9.43
N SER B 38 -14.52 13.88 9.99
CA SER B 38 -15.26 12.64 10.18
C SER B 38 -14.76 11.92 11.43
N GLN B 39 -15.61 11.05 11.96
CA GLN B 39 -15.27 10.18 13.07
C GLN B 39 -15.79 8.78 12.81
N LEU B 40 -14.91 7.79 12.97
CA LEU B 40 -15.34 6.40 12.98
C LEU B 40 -16.03 6.10 14.29
N VAL B 41 -17.28 5.65 14.23
CA VAL B 41 -18.14 5.53 15.41
C VAL B 41 -18.43 4.08 15.77
N SER B 42 -18.62 3.21 14.78
CA SER B 42 -18.81 1.79 15.06
C SER B 42 -18.46 1.01 13.80
N PHE B 43 -18.51 -0.32 13.92
CA PHE B 43 -18.25 -1.19 12.78
C PHE B 43 -18.84 -2.57 13.04
N TRP B 44 -18.84 -3.39 11.99
CA TRP B 44 -19.31 -4.78 12.06
C TRP B 44 -18.43 -5.63 11.17
N GLY B 45 -18.03 -6.79 11.67
CA GLY B 45 -17.30 -7.76 10.89
C GLY B 45 -18.03 -9.09 10.88
N ASN B 46 -17.71 -9.95 9.91
CA ASN B 46 -18.41 -11.22 9.79
C ASN B 46 -17.75 -12.36 10.56
N SER B 47 -16.45 -12.27 10.80
CA SER B 47 -15.72 -13.34 11.50
C SER B 47 -15.07 -12.77 12.76
N GLU B 48 -14.96 -13.64 13.77
CA GLU B 48 -14.55 -13.19 15.10
C GLU B 48 -13.12 -12.68 15.12
N ALA B 49 -12.20 -13.39 14.47
CA ALA B 49 -10.79 -13.02 14.55
C ALA B 49 -10.52 -11.70 13.83
N ASN B 50 -11.07 -11.53 12.63
CA ASN B 50 -10.86 -10.28 11.90
C ASN B 50 -11.56 -9.11 12.57
N THR B 51 -12.66 -9.37 13.29
CA THR B 51 -13.36 -8.31 14.00
C THR B 51 -12.53 -7.78 15.15
N ALA B 52 -11.92 -8.68 15.94
CA ALA B 52 -11.08 -8.24 17.05
C ALA B 52 -9.86 -7.48 16.55
N LYS B 53 -9.26 -7.93 15.44
CA LYS B 53 -8.15 -7.21 14.85
C LYS B 53 -8.56 -5.79 14.49
N PHE B 54 -9.69 -5.63 13.79
CA PHE B 54 -10.16 -4.32 13.38
C PHE B 54 -10.44 -3.43 14.59
N ALA B 55 -11.17 -3.98 15.58
CA ALA B 55 -11.48 -3.20 16.77
C ALA B 55 -10.21 -2.76 17.50
N ASP B 56 -9.22 -3.64 17.60
CA ASP B 56 -7.96 -3.28 18.22
C ASP B 56 -7.25 -2.19 17.43
N THR B 57 -7.21 -2.33 16.10
CA THR B 57 -6.44 -1.42 15.26
C THR B 57 -7.00 0.00 15.32
N PHE B 58 -8.32 0.15 15.23
CA PHE B 58 -8.94 1.46 15.05
C PHE B 58 -9.66 1.95 16.30
N GLY B 59 -9.56 1.23 17.41
CA GLY B 59 -10.10 1.70 18.67
C GLY B 59 -11.60 1.91 18.68
N VAL B 60 -12.33 1.16 17.87
CA VAL B 60 -13.78 1.30 17.78
C VAL B 60 -14.45 0.03 18.26
N ARG B 61 -15.62 0.20 18.85
CA ARG B 61 -16.41 -0.89 19.40
C ARG B 61 -17.17 -1.60 18.27
N PRO B 62 -17.18 -2.93 18.24
CA PRO B 62 -17.98 -3.63 17.23
C PRO B 62 -19.43 -3.74 17.62
N GLN B 63 -20.29 -3.69 16.61
CA GLN B 63 -21.71 -3.92 16.77
C GLN B 63 -22.02 -5.41 16.60
N GLN B 64 -23.10 -5.86 17.22
CA GLN B 64 -23.42 -7.29 17.20
C GLN B 64 -23.97 -7.72 15.85
N SER B 65 -24.84 -6.91 15.24
CA SER B 65 -25.36 -7.18 13.91
C SER B 65 -25.13 -5.95 13.05
N TRP B 66 -25.06 -6.17 11.73
CA TRP B 66 -25.01 -5.02 10.84
C TRP B 66 -26.35 -4.29 10.79
N GLN B 67 -27.44 -5.01 11.04
CA GLN B 67 -28.75 -4.37 11.14
C GLN B 67 -28.76 -3.31 12.23
N ALA B 68 -28.10 -3.59 13.36
CA ALA B 68 -28.08 -2.64 14.46
C ALA B 68 -27.28 -1.40 14.11
N LEU B 69 -26.13 -1.57 13.45
CA LEU B 69 -25.35 -0.44 12.96
C LEU B 69 -26.19 0.40 12.00
N ILE B 70 -26.88 -0.26 11.08
CA ILE B 70 -27.70 0.43 10.09
C ILE B 70 -28.74 1.32 10.76
N ASN B 71 -29.28 0.88 11.89
CA ASN B 71 -30.36 1.58 12.56
C ASN B 71 -29.88 2.45 13.72
N ASP B 72 -28.59 2.59 13.92
CA ASP B 72 -28.05 3.53 14.89
C ASP B 72 -28.42 4.95 14.46
N PRO B 73 -29.21 5.69 15.25
CA PRO B 73 -29.56 7.06 14.84
C PRO B 73 -28.38 8.00 14.84
N GLU B 74 -27.25 7.62 15.45
CA GLU B 74 -26.09 8.48 15.59
C GLU B 74 -25.04 8.27 14.51
N ILE B 75 -25.41 7.61 13.41
CA ILE B 75 -24.49 7.38 12.30
C ILE B 75 -25.01 8.15 11.09
N ASP B 76 -24.12 8.85 10.41
CA ASP B 76 -24.48 9.62 9.22
C ASP B 76 -24.23 8.86 7.93
N LEU B 77 -23.16 8.08 7.89
CA LEU B 77 -22.70 7.44 6.67
C LEU B 77 -22.33 5.99 6.96
N VAL B 78 -22.70 5.09 6.07
CA VAL B 78 -22.41 3.67 6.19
C VAL B 78 -21.44 3.28 5.08
N LEU B 79 -20.30 2.71 5.47
CA LEU B 79 -19.31 2.18 4.53
C LEU B 79 -19.50 0.67 4.45
N ILE B 80 -19.80 0.17 3.25
CA ILE B 80 -20.12 -1.23 3.04
C ILE B 80 -19.01 -1.87 2.22
N ALA B 81 -18.29 -2.81 2.82
CA ALA B 81 -17.24 -3.55 2.12
C ALA B 81 -17.05 -4.92 2.77
N THR B 82 -18.00 -5.86 2.46
CA THR B 82 -18.07 -7.08 3.25
C THR B 82 -18.44 -8.26 2.34
N ILE B 83 -19.06 -9.29 2.91
CA ILE B 83 -19.43 -10.47 2.13
C ILE B 83 -20.21 -10.04 0.90
N ASN B 84 -19.81 -10.54 -0.29
CA ASN B 84 -20.39 -10.14 -1.56
C ASN B 84 -21.92 -10.15 -1.54
N GLN B 85 -22.50 -11.23 -1.01
CA GLN B 85 -23.96 -11.42 -1.11
C GLN B 85 -24.72 -10.32 -0.38
N LEU B 86 -24.13 -9.74 0.66
CA LEU B 86 -24.86 -8.84 1.56
C LEU B 86 -24.98 -7.40 1.05
N HIS B 87 -24.21 -7.02 0.03
CA HIS B 87 -24.06 -5.60 -0.29
C HIS B 87 -25.39 -4.96 -0.68
N GLY B 88 -26.17 -5.61 -1.55
CA GLY B 88 -27.43 -5.05 -1.97
C GLY B 88 -28.41 -4.85 -0.82
N ALA B 89 -28.50 -5.84 0.06
CA ALA B 89 -29.47 -5.77 1.16
C ALA B 89 -29.03 -4.79 2.24
N ILE B 90 -27.72 -4.69 2.50
CA ILE B 90 -27.24 -3.72 3.48
C ILE B 90 -27.41 -2.30 2.95
N ALA B 91 -27.19 -2.10 1.66
CA ALA B 91 -27.37 -0.77 1.07
C ALA B 91 -28.83 -0.35 1.11
N GLU B 92 -29.75 -1.29 0.85
CA GLU B 92 -31.17 -0.97 0.90
C GLU B 92 -31.59 -0.59 2.31
N ALA B 93 -31.18 -1.39 3.30
CA ALA B 93 -31.53 -1.09 4.69
C ALA B 93 -30.93 0.23 5.15
N ALA B 94 -29.69 0.51 4.75
CA ALA B 94 -29.04 1.76 5.14
C ALA B 94 -29.75 2.97 4.53
N LEU B 95 -30.09 2.88 3.25
CA LEU B 95 -30.81 3.97 2.60
C LEU B 95 -32.18 4.19 3.24
N GLN B 96 -32.90 3.09 3.50
CA GLN B 96 -34.21 3.20 4.13
C GLN B 96 -34.12 3.88 5.50
N ALA B 97 -33.03 3.63 6.22
CA ALA B 97 -32.81 4.26 7.52
C ALA B 97 -32.28 5.68 7.41
N GLY B 98 -32.28 6.26 6.22
CA GLY B 98 -31.84 7.64 6.04
C GLY B 98 -30.35 7.84 6.18
N LYS B 99 -29.55 6.91 5.67
CA LYS B 99 -28.10 6.99 5.75
C LYS B 99 -27.50 7.21 4.38
N HIS B 100 -26.40 7.96 4.35
CA HIS B 100 -25.54 7.98 3.17
C HIS B 100 -24.79 6.64 3.07
N VAL B 101 -24.52 6.21 1.85
CA VAL B 101 -23.95 4.89 1.60
C VAL B 101 -22.77 5.02 0.65
N VAL B 102 -21.63 4.45 1.05
CA VAL B 102 -20.49 4.24 0.17
C VAL B 102 -20.19 2.75 0.16
N LEU B 103 -20.10 2.17 -1.03
CA LEU B 103 -19.83 0.75 -1.19
C LEU B 103 -18.52 0.54 -1.94
N GLU B 104 -17.84 -0.55 -1.60
CA GLU B 104 -16.90 -1.17 -2.51
C GLU B 104 -17.70 -2.13 -3.38
N TYR B 105 -17.51 -2.05 -4.69
CA TYR B 105 -18.23 -2.91 -5.63
C TYR B 105 -18.08 -4.36 -5.20
N PRO B 106 -19.15 -5.17 -5.30
CA PRO B 106 -20.46 -5.03 -5.96
C PRO B 106 -21.48 -4.09 -5.32
N LEU B 107 -22.37 -3.58 -6.18
CA LEU B 107 -23.50 -2.77 -5.73
C LEU B 107 -24.67 -3.64 -5.30
N ALA B 108 -24.97 -4.70 -6.05
CA ALA B 108 -26.11 -5.56 -5.76
C ALA B 108 -25.95 -6.85 -6.54
N LEU B 109 -26.91 -7.76 -6.37
CA LEU B 109 -26.84 -9.06 -7.04
C LEU B 109 -27.25 -8.98 -8.50
N THR B 110 -28.14 -8.06 -8.84
CA THR B 110 -28.63 -7.92 -10.21
C THR B 110 -28.69 -6.45 -10.60
N TYR B 111 -28.68 -6.20 -11.91
CA TYR B 111 -28.88 -4.85 -12.41
C TYR B 111 -30.21 -4.27 -11.94
N ALA B 112 -31.25 -5.10 -11.92
CA ALA B 112 -32.56 -4.64 -11.45
C ALA B 112 -32.45 -4.09 -10.03
N MET B 113 -31.95 -4.92 -9.09
CA MET B 113 -31.80 -4.46 -7.71
C MET B 113 -30.91 -3.23 -7.63
N GLY B 114 -29.89 -3.13 -8.47
CA GLY B 114 -29.06 -1.93 -8.47
C GLY B 114 -29.84 -0.69 -8.86
N LYS B 115 -30.74 -0.81 -9.84
CA LYS B 115 -31.56 0.33 -10.24
C LYS B 115 -32.53 0.73 -9.13
N LYS B 116 -33.02 -0.24 -8.35
CA LYS B 116 -33.91 0.11 -7.24
C LYS B 116 -33.15 0.87 -6.15
N LEU B 117 -31.90 0.47 -5.88
CA LEU B 117 -31.09 1.23 -4.92
C LEU B 117 -30.87 2.66 -5.41
N GLN B 118 -30.57 2.82 -6.70
CA GLN B 118 -30.39 4.16 -7.27
C GLN B 118 -31.62 5.02 -7.06
N GLN B 119 -32.81 4.45 -7.26
CA GLN B 119 -34.05 5.23 -7.12
C GLN B 119 -34.36 5.49 -5.65
N LEU B 120 -34.20 4.48 -4.79
CA LEU B 120 -34.42 4.67 -3.37
C LEU B 120 -33.54 5.77 -2.82
N ALA B 121 -32.26 5.78 -3.21
CA ALA B 121 -31.35 6.83 -2.77
C ALA B 121 -31.80 8.20 -3.27
N ARG B 122 -32.41 8.24 -4.45
CA ARG B 122 -32.91 9.52 -4.97
C ARG B 122 -34.08 10.03 -4.13
N GLU B 123 -35.03 9.17 -3.82
CA GLU B 123 -36.19 9.59 -3.01
C GLU B 123 -35.76 10.00 -1.61
N LYS B 124 -34.85 9.23 -1.00
CA LYS B 124 -34.37 9.56 0.34
C LYS B 124 -33.42 10.75 0.36
N GLY B 125 -32.94 11.18 -0.80
CA GLY B 125 -31.98 12.27 -0.83
C GLY B 125 -30.66 11.93 -0.17
N LYS B 126 -30.21 10.69 -0.32
CA LYS B 126 -28.97 10.23 0.29
C LYS B 126 -27.97 9.84 -0.79
N LEU B 127 -26.69 9.93 -0.43
CA LEU B 127 -25.63 9.54 -1.34
C LEU B 127 -25.60 8.01 -1.49
N LEU B 128 -25.42 7.57 -2.74
CA LEU B 128 -25.14 6.16 -3.04
C LEU B 128 -23.92 6.15 -3.94
N HIS B 129 -22.74 5.92 -3.34
CA HIS B 129 -21.47 6.05 -4.01
C HIS B 129 -20.76 4.71 -4.04
N VAL B 130 -20.39 4.25 -5.24
CA VAL B 130 -19.77 2.94 -5.42
C VAL B 130 -18.47 3.12 -6.19
N GLU B 131 -17.41 2.53 -5.66
CA GLU B 131 -16.13 2.46 -6.37
C GLU B 131 -15.63 1.02 -6.34
N HIS B 132 -14.66 0.74 -7.21
CA HIS B 132 -14.03 -0.58 -7.31
C HIS B 132 -12.52 -0.32 -7.36
N ILE B 133 -11.92 -0.12 -6.19
CA ILE B 133 -10.52 0.24 -6.10
C ILE B 133 -9.65 -0.90 -5.55
N GLU B 134 -10.21 -1.76 -4.68
CA GLU B 134 -9.41 -2.79 -4.03
C GLU B 134 -8.83 -3.76 -5.05
N LEU B 135 -9.59 -4.10 -6.08
CA LEU B 135 -9.12 -5.03 -7.12
C LEU B 135 -8.46 -4.22 -8.23
N LEU B 136 -7.13 -4.14 -8.19
CA LEU B 136 -6.33 -3.56 -9.28
C LEU B 136 -6.70 -2.10 -9.55
N GLY B 137 -7.06 -1.36 -8.51
CA GLY B 137 -7.43 0.03 -8.69
C GLY B 137 -6.32 0.85 -9.33
N GLY B 138 -5.08 0.66 -8.87
CA GLY B 138 -3.96 1.38 -9.46
C GLY B 138 -3.71 0.96 -10.90
N VAL B 139 -3.78 -0.34 -11.19
CA VAL B 139 -3.59 -0.81 -12.54
C VAL B 139 -4.66 -0.23 -13.47
N HIS B 140 -5.89 -0.13 -12.99
CA HIS B 140 -6.96 0.42 -13.83
C HIS B 140 -6.66 1.85 -14.25
N GLN B 141 -6.20 2.68 -13.31
CA GLN B 141 -5.86 4.06 -13.67
C GLN B 141 -4.67 4.11 -14.61
N ALA B 142 -3.71 3.19 -14.46
CA ALA B 142 -2.57 3.16 -15.36
C ALA B 142 -2.98 2.75 -16.76
N ILE B 143 -3.94 1.84 -16.90
CA ILE B 143 -4.45 1.48 -18.22
C ILE B 143 -5.13 2.68 -18.87
N ARG B 144 -5.98 3.38 -18.11
CA ARG B 144 -6.67 4.56 -18.63
C ARG B 144 -5.69 5.62 -19.10
N GLN B 145 -4.61 5.84 -18.36
CA GLN B 145 -3.64 6.86 -18.73
C GLN B 145 -2.82 6.49 -19.97
N ASN B 146 -2.87 5.24 -20.42
CA ASN B 146 -2.03 4.79 -21.52
C ASN B 146 -2.80 4.18 -22.69
N LEU B 147 -4.13 4.03 -22.58
CA LEU B 147 -4.89 3.43 -23.68
C LEU B 147 -4.81 4.28 -24.93
N GLY B 148 -4.78 5.60 -24.78
CA GLY B 148 -4.70 6.49 -25.94
C GLY B 148 -3.47 6.27 -26.79
N LYS B 149 -2.45 5.60 -26.25
CA LYS B 149 -1.19 5.40 -26.96
C LYS B 149 -1.17 4.17 -27.86
N ILE B 150 -2.14 3.27 -27.75
CA ILE B 150 -2.05 1.98 -28.42
C ILE B 150 -3.05 1.83 -29.56
N GLY B 151 -3.78 2.90 -29.91
CA GLY B 151 -4.62 2.86 -31.09
C GLY B 151 -5.91 2.07 -30.87
N GLU B 152 -6.35 1.40 -31.94
CA GLU B 152 -7.56 0.58 -31.87
C GLU B 152 -7.26 -0.72 -31.14
N VAL B 153 -7.94 -0.92 -30.00
CA VAL B 153 -7.73 -2.10 -29.17
C VAL B 153 -8.59 -3.24 -29.71
N PHE B 154 -7.95 -4.36 -30.07
CA PHE B 154 -8.64 -5.46 -30.71
C PHE B 154 -8.62 -6.77 -29.94
N TYR B 155 -7.75 -6.92 -28.96
CA TYR B 155 -7.65 -8.18 -28.23
C TYR B 155 -7.13 -7.90 -26.83
N ALA B 156 -7.84 -8.41 -25.83
CA ALA B 156 -7.48 -8.21 -24.43
C ALA B 156 -7.69 -9.50 -23.65
N ARG B 157 -6.79 -9.76 -22.72
CA ARG B 157 -6.90 -10.90 -21.82
C ARG B 157 -6.71 -10.43 -20.38
N TYR B 158 -7.67 -10.76 -19.53
CA TYR B 158 -7.62 -10.47 -18.10
C TYR B 158 -7.80 -11.78 -17.36
N SER B 159 -6.74 -12.27 -16.73
CA SER B 159 -6.75 -13.60 -16.13
C SER B 159 -6.27 -13.51 -14.68
N THR B 160 -7.06 -14.06 -13.77
CA THR B 160 -6.72 -14.11 -12.35
C THR B 160 -6.85 -15.55 -11.89
N ILE B 161 -5.72 -16.20 -11.61
CA ILE B 161 -5.69 -17.58 -11.15
C ILE B 161 -4.89 -17.62 -9.85
N MET B 162 -5.52 -18.04 -8.77
CA MET B 162 -4.90 -18.05 -7.44
C MET B 162 -5.07 -19.42 -6.81
N GLY B 163 -4.01 -20.22 -6.84
CA GLY B 163 -4.04 -21.52 -6.19
C GLY B 163 -4.13 -21.38 -4.68
N GLN B 164 -4.90 -22.28 -4.07
CA GLN B 164 -5.05 -22.33 -2.62
C GLN B 164 -5.32 -23.75 -2.21
N ASN B 165 -4.45 -24.32 -1.40
CA ASN B 165 -4.57 -25.73 -1.00
C ASN B 165 -4.06 -25.93 0.43
N PRO B 166 -4.96 -26.35 1.34
CA PRO B 166 -6.37 -26.67 1.06
C PRO B 166 -7.25 -25.43 0.94
N ALA B 167 -8.43 -25.60 0.37
CA ALA B 167 -9.35 -24.49 0.21
C ALA B 167 -10.06 -24.23 1.52
N PRO B 168 -10.12 -22.98 1.99
CA PRO B 168 -10.78 -22.70 3.27
C PRO B 168 -12.29 -22.83 3.14
N GLN B 169 -12.93 -23.14 4.27
CA GLN B 169 -14.38 -23.09 4.37
C GLN B 169 -14.83 -21.68 4.81
N ARG B 170 -14.56 -20.75 3.91
CA ARG B 170 -14.74 -19.33 4.13
C ARG B 170 -15.75 -18.81 3.11
N TRP B 171 -16.31 -17.62 3.38
CA TRP B 171 -17.36 -17.11 2.50
C TRP B 171 -16.87 -16.90 1.07
N THR B 172 -15.57 -16.64 0.90
CA THR B 172 -15.02 -16.47 -0.44
C THR B 172 -15.11 -17.75 -1.26
N TYR B 173 -15.24 -18.92 -0.60
CA TYR B 173 -15.41 -20.18 -1.29
C TYR B 173 -16.79 -20.77 -1.07
N HIS B 174 -17.75 -19.93 -0.66
CA HIS B 174 -19.13 -20.33 -0.40
C HIS B 174 -19.98 -19.88 -1.59
N HIS B 175 -20.69 -20.83 -2.21
CA HIS B 175 -21.43 -20.54 -3.43
C HIS B 175 -22.32 -19.30 -3.28
N GLN B 176 -23.18 -19.30 -2.26
CA GLN B 176 -24.16 -18.23 -2.13
C GLN B 176 -23.50 -16.92 -1.67
N GLN B 177 -22.65 -16.99 -0.67
CA GLN B 177 -22.05 -15.77 -0.12
C GLN B 177 -21.11 -15.11 -1.12
N PHE B 178 -20.31 -15.91 -1.83
CA PHE B 178 -19.38 -15.35 -2.80
C PHE B 178 -20.07 -14.96 -4.09
N GLY B 179 -21.11 -15.69 -4.50
CA GLY B 179 -21.86 -15.35 -5.68
C GLY B 179 -21.16 -15.75 -6.96
N PHE B 180 -21.71 -15.24 -8.07
CA PHE B 180 -21.20 -15.51 -9.41
C PHE B 180 -19.73 -15.13 -9.50
N PRO B 181 -18.83 -16.08 -9.78
CA PRO B 181 -17.39 -15.81 -9.60
C PRO B 181 -16.82 -14.72 -10.50
N LEU B 182 -17.50 -14.35 -11.58
CA LEU B 182 -16.95 -13.38 -12.51
C LEU B 182 -17.36 -11.94 -12.22
N VAL B 183 -18.13 -11.70 -11.15
CA VAL B 183 -18.66 -10.36 -10.89
C VAL B 183 -17.54 -9.33 -10.82
N ALA B 184 -16.51 -9.61 -10.00
CA ALA B 184 -15.44 -8.64 -9.80
C ALA B 184 -14.64 -8.43 -11.08
N ALA B 185 -14.25 -9.52 -11.74
CA ALA B 185 -13.42 -9.41 -12.93
C ALA B 185 -14.15 -8.70 -14.07
N LEU B 186 -15.46 -8.94 -14.20
CA LEU B 186 -16.22 -8.31 -15.26
C LEU B 186 -16.37 -6.81 -15.03
N SER B 187 -16.47 -6.40 -13.75
CA SER B 187 -16.45 -4.98 -13.44
C SER B 187 -15.20 -4.31 -13.98
N ARG B 188 -14.06 -4.99 -13.85
CA ARG B 188 -12.81 -4.42 -14.34
C ARG B 188 -12.83 -4.26 -15.86
N ILE B 189 -13.31 -5.27 -16.58
CA ILE B 189 -13.25 -5.24 -18.03
C ILE B 189 -14.29 -4.28 -18.63
N SER B 190 -15.30 -3.88 -17.86
CA SER B 190 -16.43 -3.12 -18.39
C SER B 190 -16.33 -1.63 -18.15
N ARG B 191 -15.22 -1.14 -17.59
CA ARG B 191 -15.08 0.26 -17.24
C ARG B 191 -14.25 1.03 -18.25
N PHE B 192 -14.29 0.64 -19.51
CA PHE B 192 -13.71 1.39 -20.61
C PHE B 192 -14.73 1.60 -21.72
N THR B 193 -16.01 1.59 -21.24
CA THR B 193 -17.09 1.75 -22.19
C THR B 193 -16.92 2.91 -23.15
N ASP B 194 -16.41 4.11 -22.80
CA ASP B 194 -16.27 5.27 -23.67
C ASP B 194 -15.27 5.03 -24.79
N LEU B 195 -14.37 4.06 -24.63
CA LEU B 195 -13.43 3.69 -25.69
C LEU B 195 -13.75 2.36 -26.34
N PHE B 196 -14.13 1.36 -25.61
CA PHE B 196 -14.40 0.04 -26.16
C PHE B 196 -15.84 -0.14 -26.61
N GLY B 197 -16.71 0.79 -26.28
CA GLY B 197 -18.13 0.57 -26.53
C GLY B 197 -18.68 -0.44 -25.53
N THR B 198 -19.91 -0.87 -25.81
CA THR B 198 -20.62 -1.77 -24.93
C THR B 198 -20.40 -3.23 -25.35
N VAL B 199 -20.65 -4.14 -24.41
CA VAL B 199 -20.56 -5.56 -24.71
C VAL B 199 -21.74 -5.96 -25.58
N GLN B 200 -21.45 -6.66 -26.68
CA GLN B 200 -22.46 -7.10 -27.63
C GLN B 200 -22.87 -8.56 -27.41
N GLN B 201 -21.91 -9.42 -27.06
CA GLN B 201 -22.14 -10.86 -27.10
C GLN B 201 -21.11 -11.54 -26.21
N VAL B 202 -21.55 -12.54 -25.44
CA VAL B 202 -20.68 -13.25 -24.52
C VAL B 202 -20.92 -14.75 -24.63
N ASP B 203 -19.84 -15.52 -24.50
CA ASP B 203 -19.88 -16.94 -24.19
C ASP B 203 -19.13 -17.14 -22.88
N ALA B 204 -19.71 -17.91 -21.97
CA ALA B 204 -19.11 -18.05 -20.64
C ALA B 204 -19.43 -19.43 -20.08
N GLN B 205 -18.47 -19.96 -19.31
CA GLN B 205 -18.64 -21.24 -18.65
C GLN B 205 -18.13 -21.14 -17.22
N CYS B 206 -18.74 -21.92 -16.34
CA CYS B 206 -18.40 -21.91 -14.92
C CYS B 206 -18.27 -23.34 -14.43
N ARG B 207 -17.08 -23.72 -14.00
CA ARG B 207 -16.81 -25.05 -13.48
C ARG B 207 -16.46 -24.97 -12.01
N PHE B 208 -17.05 -25.86 -11.22
CA PHE B 208 -16.77 -25.96 -9.80
C PHE B 208 -16.29 -27.36 -9.44
N TRP B 209 -15.37 -27.42 -8.48
CA TRP B 209 -14.99 -28.64 -7.78
C TRP B 209 -15.50 -28.51 -6.35
N ASP B 210 -16.45 -29.36 -5.98
CA ASP B 210 -17.13 -29.17 -4.70
C ASP B 210 -16.35 -29.76 -3.54
N GLN B 211 -16.57 -29.17 -2.37
CA GLN B 211 -16.07 -29.70 -1.11
C GLN B 211 -17.02 -30.79 -0.61
N PRO B 212 -16.59 -31.59 0.38
CA PRO B 212 -17.53 -32.57 0.97
C PRO B 212 -18.85 -31.94 1.38
N ASN B 213 -18.82 -30.79 2.04
CA ASN B 213 -20.00 -29.95 2.16
C ASN B 213 -20.13 -29.16 0.87
N PRO B 214 -21.11 -29.48 0.03
CA PRO B 214 -21.22 -28.84 -1.28
C PRO B 214 -21.68 -27.39 -1.23
N GLU B 215 -22.00 -26.87 -0.05
CA GLU B 215 -22.19 -25.43 0.09
C GLU B 215 -20.94 -24.65 -0.26
N TYR B 216 -19.76 -25.29 -0.14
CA TYR B 216 -18.49 -24.69 -0.49
C TYR B 216 -17.90 -25.39 -1.70
N PHE B 217 -17.16 -24.65 -2.51
CA PHE B 217 -16.32 -25.25 -3.53
C PHE B 217 -14.87 -25.21 -3.08
N ARG B 218 -14.11 -26.21 -3.50
CA ARG B 218 -12.67 -26.23 -3.26
C ARG B 218 -11.89 -25.65 -4.43
N ALA B 219 -12.52 -25.46 -5.58
CA ALA B 219 -11.93 -24.74 -6.70
C ALA B 219 -13.05 -24.31 -7.63
N CYS B 220 -12.78 -23.25 -8.39
CA CYS B 220 -13.67 -22.82 -9.45
C CYS B 220 -12.84 -22.33 -10.63
N LEU B 221 -13.39 -22.50 -11.83
CA LEU B 221 -12.77 -21.97 -13.04
C LEU B 221 -13.89 -21.36 -13.88
N ALA B 222 -13.97 -20.04 -13.90
CA ALA B 222 -14.96 -19.32 -14.69
C ALA B 222 -14.26 -18.56 -15.80
N THR B 223 -14.73 -18.77 -17.03
CA THR B 223 -14.17 -18.12 -18.20
C THR B 223 -15.29 -17.41 -18.95
N ALA B 224 -15.01 -16.19 -19.40
CA ALA B 224 -15.97 -15.40 -20.17
C ALA B 224 -15.24 -14.80 -21.37
N TYR B 225 -15.84 -14.95 -22.55
CA TYR B 225 -15.27 -14.46 -23.80
C TYR B 225 -16.23 -13.45 -24.40
N LEU B 226 -15.79 -12.18 -24.44
CA LEU B 226 -16.67 -11.05 -24.71
C LEU B 226 -16.34 -10.44 -26.07
N GLN B 227 -17.39 -10.03 -26.79
CA GLN B 227 -17.25 -9.28 -28.02
C GLN B 227 -17.90 -7.92 -27.83
N PHE B 228 -17.11 -6.86 -27.98
CA PHE B 228 -17.58 -5.49 -27.83
C PHE B 228 -18.04 -4.93 -29.17
N ASN B 229 -18.84 -3.87 -29.11
CA ASN B 229 -19.46 -3.34 -30.32
C ASN B 229 -18.45 -2.64 -31.23
N ASN B 230 -17.36 -2.14 -30.67
CA ASN B 230 -16.30 -1.54 -31.48
C ASN B 230 -15.26 -2.56 -31.94
N GLY B 231 -15.50 -3.85 -31.70
CA GLY B 231 -14.71 -4.91 -32.27
C GLY B 231 -13.78 -5.61 -31.30
N LEU B 232 -13.64 -5.12 -30.07
CA LEU B 232 -12.71 -5.74 -29.14
C LEU B 232 -13.15 -7.16 -28.77
N LYS B 233 -12.21 -8.09 -28.81
CA LYS B 233 -12.38 -9.42 -28.24
C LYS B 233 -11.64 -9.47 -26.91
N ALA B 234 -12.35 -9.83 -25.85
CA ALA B 234 -11.78 -9.89 -24.52
C ALA B 234 -12.00 -11.25 -23.89
N GLU B 235 -10.97 -11.79 -23.25
CA GLU B 235 -11.05 -13.00 -22.46
C GLU B 235 -10.92 -12.64 -20.99
N VAL B 236 -11.84 -13.13 -20.17
CA VAL B 236 -11.89 -12.82 -18.75
C VAL B 236 -11.92 -14.12 -17.98
N ILE B 237 -10.85 -14.41 -17.24
CA ILE B 237 -10.63 -15.71 -16.61
C ILE B 237 -10.49 -15.51 -15.10
N TYR B 238 -11.24 -16.29 -14.32
CA TYR B 238 -11.13 -16.27 -12.86
C TYR B 238 -11.11 -17.71 -12.37
N GLY B 239 -10.04 -18.09 -11.70
CA GLY B 239 -9.93 -19.41 -11.11
C GLY B 239 -9.17 -19.33 -9.81
N LYS B 240 -9.57 -20.19 -8.86
CA LYS B 240 -8.88 -20.27 -7.59
C LYS B 240 -9.15 -21.63 -6.96
N GLY B 241 -8.31 -22.00 -6.01
CA GLY B 241 -8.54 -23.19 -5.23
C GLY B 241 -7.48 -24.26 -5.44
N GLU B 242 -7.87 -25.49 -5.14
CA GLU B 242 -6.93 -26.58 -4.91
C GLU B 242 -6.32 -27.16 -6.18
N VAL B 243 -6.96 -27.00 -7.34
CA VAL B 243 -6.49 -27.69 -8.54
C VAL B 243 -5.49 -26.89 -9.36
N PHE B 244 -5.20 -25.65 -8.98
CA PHE B 244 -4.32 -24.79 -9.77
C PHE B 244 -2.91 -24.83 -9.18
N HIS B 245 -1.94 -25.21 -10.01
CA HIS B 245 -0.55 -25.27 -9.58
C HIS B 245 0.29 -24.09 -10.04
N GLN B 246 -0.21 -23.25 -10.94
CA GLN B 246 0.50 -22.05 -11.34
C GLN B 246 -0.45 -20.85 -11.28
N ASN B 247 -0.08 -19.86 -10.49
CA ASN B 247 -0.87 -18.64 -10.38
C ASN B 247 -0.67 -17.77 -11.61
N GLU B 248 -1.60 -16.84 -11.80
CA GLU B 248 -1.62 -15.98 -12.97
C GLU B 248 -2.38 -14.71 -12.63
N ARG B 249 -1.73 -13.55 -12.77
CA ARG B 249 -2.38 -12.26 -12.62
C ARG B 249 -1.93 -11.41 -13.81
N ILE B 250 -2.77 -11.37 -14.84
CA ILE B 250 -2.41 -10.81 -16.13
C ILE B 250 -3.53 -9.92 -16.63
N PHE B 251 -3.17 -8.73 -17.10
CA PHE B 251 -4.10 -7.81 -17.77
C PHE B 251 -3.34 -7.29 -18.99
N THR B 252 -3.63 -7.86 -20.16
CA THR B 252 -2.93 -7.52 -21.38
C THR B 252 -3.92 -6.95 -22.39
N LEU B 253 -3.52 -5.86 -23.06
CA LEU B 253 -4.37 -5.19 -24.04
C LEU B 253 -3.56 -4.94 -25.30
N HIS B 254 -3.97 -5.58 -26.39
CA HIS B 254 -3.29 -5.45 -27.68
C HIS B 254 -4.04 -4.44 -28.54
N GLY B 255 -3.32 -3.40 -28.98
CA GLY B 255 -3.89 -2.40 -29.85
C GLY B 255 -3.08 -2.21 -31.12
N ASP B 256 -3.73 -1.58 -32.11
CA ASP B 256 -3.14 -1.13 -33.37
C ASP B 256 -1.70 -0.65 -33.24
N ARG B 257 -1.42 0.14 -32.21
CA ARG B 257 -0.18 0.90 -32.09
C ARG B 257 0.62 0.54 -30.86
N GLY B 258 0.27 -0.54 -30.17
CA GLY B 258 1.03 -0.98 -29.03
C GLY B 258 0.26 -1.95 -28.17
N THR B 259 0.97 -2.50 -27.20
CA THR B 259 0.42 -3.46 -26.25
C THR B 259 0.72 -2.99 -24.84
N LEU B 260 -0.30 -3.04 -23.99
CA LEU B 260 -0.15 -2.83 -22.56
C LEU B 260 -0.21 -4.17 -21.86
N ILE B 261 0.78 -4.49 -21.05
CA ILE B 261 0.83 -5.76 -20.34
C ILE B 261 1.13 -5.48 -18.87
N PHE B 262 0.18 -5.86 -18.00
CA PHE B 262 0.35 -5.71 -16.57
C PHE B 262 0.42 -7.10 -15.95
N VAL B 263 1.57 -7.44 -15.40
CA VAL B 263 1.78 -8.68 -14.66
C VAL B 263 1.73 -8.31 -13.19
N GLY B 264 0.61 -8.62 -12.53
CA GLY B 264 0.41 -8.10 -11.19
C GLY B 264 0.27 -6.59 -11.26
N GLU B 265 1.00 -5.89 -10.40
CA GLU B 265 0.96 -4.44 -10.35
C GLU B 265 2.07 -3.78 -11.19
N THR B 266 2.78 -4.54 -12.02
CA THR B 266 3.85 -4.00 -12.84
C THR B 266 3.39 -3.96 -14.30
N GLY B 267 3.62 -2.85 -14.96
CA GLY B 267 3.11 -2.65 -16.30
C GLY B 267 4.17 -2.15 -17.27
N ARG B 268 4.00 -2.54 -18.53
CA ARG B 268 4.89 -2.13 -19.61
C ARG B 268 4.06 -1.70 -20.81
N LEU B 269 4.55 -0.69 -21.52
CA LEU B 269 4.02 -0.29 -22.81
C LEU B 269 5.00 -0.74 -23.89
N ILE B 270 4.50 -1.47 -24.88
CA ILE B 270 5.32 -2.02 -25.95
C ILE B 270 4.85 -1.41 -27.26
N GLN B 271 5.71 -0.59 -27.87
CA GLN B 271 5.43 0.04 -29.17
C GLN B 271 6.63 -0.16 -30.06
N GLY B 272 6.45 -0.92 -31.14
CA GLY B 272 7.59 -1.27 -31.97
C GLY B 272 8.62 -2.01 -31.13
N GLN B 273 9.87 -1.58 -31.23
CA GLN B 273 10.93 -2.13 -30.40
C GLN B 273 11.10 -1.39 -29.08
N THR B 274 10.30 -0.36 -28.84
CA THR B 274 10.38 0.38 -27.58
C THR B 274 9.60 -0.33 -26.49
N GLU B 275 10.18 -0.39 -25.30
CA GLU B 275 9.50 -0.84 -24.10
C GLU B 275 9.75 0.19 -23.01
N THR B 276 8.68 0.75 -22.47
CA THR B 276 8.78 1.70 -21.37
C THR B 276 7.97 1.18 -20.18
N GLU B 277 8.56 1.25 -19.00
CA GLU B 277 7.84 0.89 -17.79
C GLU B 277 6.72 1.89 -17.53
N ILE B 278 5.67 1.42 -16.87
CA ILE B 278 4.53 2.25 -16.51
C ILE B 278 4.47 2.34 -14.99
N THR B 279 4.48 3.56 -14.47
CA THR B 279 4.35 3.76 -13.03
C THR B 279 2.90 3.55 -12.63
N VAL B 280 2.69 2.71 -11.61
CA VAL B 280 1.37 2.32 -11.16
C VAL B 280 1.17 2.88 -9.76
N GLY B 281 0.11 3.67 -9.58
CA GLY B 281 -0.14 4.29 -8.30
C GLY B 281 -0.67 3.33 -7.25
N SER B 282 -0.51 3.74 -5.99
CA SER B 282 -0.99 2.92 -4.89
C SER B 282 -2.52 2.94 -4.82
N ARG B 283 -3.08 1.83 -4.35
CA ARG B 283 -4.51 1.81 -4.06
C ARG B 283 -4.83 2.63 -2.82
N ARG B 284 -3.88 2.73 -1.89
CA ARG B 284 -4.06 3.58 -0.71
C ARG B 284 -4.34 5.02 -1.14
N GLY B 285 -3.56 5.53 -2.11
CA GLY B 285 -3.78 6.88 -2.57
C GLY B 285 -5.14 7.06 -3.22
N LEU B 286 -5.58 6.07 -4.01
CA LEU B 286 -6.89 6.16 -4.65
C LEU B 286 -8.00 6.13 -3.61
N PHE B 287 -7.91 5.21 -2.64
CA PHE B 287 -8.91 5.16 -1.58
C PHE B 287 -8.98 6.48 -0.81
N ARG B 288 -7.82 7.10 -0.56
CA ARG B 288 -7.80 8.33 0.21
C ARG B 288 -8.44 9.48 -0.56
N GLN B 289 -8.07 9.64 -1.84
CA GLN B 289 -8.68 10.69 -2.65
C GLN B 289 -10.19 10.54 -2.73
N ASP B 290 -10.67 9.30 -2.87
CA ASP B 290 -12.12 9.09 -2.96
C ASP B 290 -12.80 9.35 -1.62
N THR B 291 -12.18 8.93 -0.52
CA THR B 291 -12.75 9.20 0.80
C THR B 291 -12.83 10.71 1.05
N GLU B 292 -11.77 11.44 0.71
CA GLU B 292 -11.77 12.88 0.90
C GLU B 292 -12.79 13.57 0.01
N ALA B 293 -13.04 13.02 -1.19
CA ALA B 293 -14.05 13.60 -2.07
C ALA B 293 -15.45 13.39 -1.52
N VAL B 294 -15.72 12.22 -0.93
CA VAL B 294 -17.02 11.97 -0.33
C VAL B 294 -17.24 12.87 0.86
N LEU B 295 -16.19 13.13 1.65
CA LEU B 295 -16.30 14.10 2.73
C LEU B 295 -16.49 15.51 2.19
N ASP B 296 -15.78 15.85 1.12
CA ASP B 296 -15.99 17.13 0.45
C ASP B 296 -17.45 17.33 0.07
N TYR B 297 -18.05 16.30 -0.54
CA TYR B 297 -19.42 16.43 -1.02
C TYR B 297 -20.41 16.51 0.14
N LEU B 298 -20.20 15.73 1.19
CA LEU B 298 -21.14 15.70 2.30
C LEU B 298 -21.09 16.96 3.15
N THR B 299 -19.98 17.69 3.13
CA THR B 299 -19.83 18.87 3.97
C THR B 299 -19.93 20.19 3.21
N THR B 300 -19.58 20.21 1.92
CA THR B 300 -19.68 21.43 1.13
C THR B 300 -20.54 21.29 -0.11
N GLY B 301 -20.91 20.08 -0.50
CA GLY B 301 -21.70 19.88 -1.70
C GLY B 301 -20.90 19.80 -2.98
N LYS B 302 -19.57 19.76 -2.90
CA LYS B 302 -18.73 19.65 -4.08
C LYS B 302 -19.07 18.35 -4.81
N PRO B 303 -19.53 18.42 -6.06
CA PRO B 303 -19.95 17.20 -6.76
C PRO B 303 -18.81 16.20 -6.92
N LEU B 304 -19.17 14.92 -6.84
CA LEU B 304 -18.22 13.85 -7.06
C LEU B 304 -18.08 13.57 -8.55
N TYR B 305 -16.85 13.28 -8.97
CA TYR B 305 -16.62 12.96 -10.39
C TYR B 305 -17.27 11.64 -10.77
N VAL B 306 -17.26 10.67 -9.87
CA VAL B 306 -17.79 9.34 -10.13
C VAL B 306 -19.31 9.37 -9.98
N ASP B 307 -20.01 8.66 -10.88
CA ASP B 307 -21.44 8.45 -10.74
C ASP B 307 -21.74 6.96 -10.85
N LEU B 308 -22.99 6.62 -10.54
CA LEU B 308 -23.41 5.22 -10.39
C LEU B 308 -23.39 4.45 -11.71
N GLU B 309 -23.35 5.14 -12.85
CA GLU B 309 -23.61 4.48 -14.12
C GLU B 309 -22.58 3.40 -14.44
N ALA B 310 -21.31 3.65 -14.10
CA ALA B 310 -20.27 2.67 -14.39
C ALA B 310 -20.51 1.37 -13.64
N SER B 311 -20.92 1.46 -12.37
CA SER B 311 -21.20 0.25 -11.60
C SER B 311 -22.47 -0.42 -12.06
N LEU B 312 -23.48 0.36 -12.48
CA LEU B 312 -24.70 -0.25 -13.00
C LEU B 312 -24.42 -1.03 -14.28
N TYR B 313 -23.59 -0.50 -15.17
CA TYR B 313 -23.27 -1.24 -16.39
C TYR B 313 -22.44 -2.47 -16.07
N ALA B 314 -21.57 -2.39 -15.07
CA ALA B 314 -20.84 -3.58 -14.63
C ALA B 314 -21.80 -4.68 -14.20
N LEU B 315 -22.88 -4.30 -13.51
CA LEU B 315 -23.92 -5.27 -13.17
C LEU B 315 -24.57 -5.85 -14.42
N GLU B 316 -24.82 -5.01 -15.43
CA GLU B 316 -25.43 -5.49 -16.66
C GLU B 316 -24.58 -6.56 -17.32
N VAL B 317 -23.26 -6.34 -17.37
CA VAL B 317 -22.38 -7.33 -17.97
C VAL B 317 -22.35 -8.59 -17.13
N ALA B 318 -22.34 -8.44 -15.80
CA ALA B 318 -22.35 -9.61 -14.92
C ALA B 318 -23.60 -10.44 -15.14
N ASP B 319 -24.76 -9.79 -15.20
CA ASP B 319 -26.01 -10.51 -15.47
C ASP B 319 -25.95 -11.23 -16.81
N LEU B 320 -25.41 -10.58 -17.84
CA LEU B 320 -25.33 -11.19 -19.16
C LEU B 320 -24.46 -12.44 -19.15
N CYS B 321 -23.33 -12.40 -18.45
CA CYS B 321 -22.44 -13.56 -18.40
C CYS B 321 -23.01 -14.67 -17.51
N ALA B 322 -23.75 -14.30 -16.46
CA ALA B 322 -24.35 -15.31 -15.59
C ALA B 322 -25.41 -16.11 -16.34
N GLN B 323 -26.13 -15.48 -17.26
CA GLN B 323 -27.09 -16.23 -18.07
C GLN B 323 -26.37 -17.11 -19.08
N ALA B 324 -25.31 -16.59 -19.70
CA ALA B 324 -24.51 -17.39 -20.62
C ALA B 324 -23.95 -18.63 -19.93
N CYS B 325 -23.68 -18.55 -18.62
CA CYS B 325 -23.25 -19.71 -17.86
C CYS B 325 -24.40 -20.62 -17.47
N GLY B 326 -25.63 -20.13 -17.52
CA GLY B 326 -26.71 -20.81 -16.85
C GLY B 326 -26.56 -20.78 -15.35
N TYR B 327 -25.95 -19.73 -14.82
CA TYR B 327 -25.71 -19.59 -13.38
C TYR B 327 -26.92 -19.01 -12.68
P PO4 C . 1.67 1.57 0.48
O1 PO4 C . 0.33 2.17 0.12
O2 PO4 C . 1.93 0.34 -0.35
O3 PO4 C . 2.75 2.58 0.20
O4 PO4 C . 1.67 1.20 1.95
P PO4 D . -1.39 12.84 7.00
O1 PO4 D . -2.32 13.81 6.31
O2 PO4 D . -1.43 11.51 6.28
O3 PO4 D . -1.84 12.66 8.43
O4 PO4 D . 0.02 13.38 6.97
P PO4 E . 1.29 -12.96 -7.16
O1 PO4 E . 0.36 -12.89 -8.35
O2 PO4 E . 0.90 -14.14 -6.29
O3 PO4 E . 1.18 -11.69 -6.35
O4 PO4 E . 2.71 -13.14 -7.64
P PO4 F . -1.35 -0.57 -1.88
O1 PO4 F . -1.74 -0.63 -3.34
O2 PO4 F . -2.27 -1.44 -1.07
O3 PO4 F . -1.45 0.86 -1.40
O4 PO4 F . 0.07 -1.06 -1.73
#